data_6IMI
#
_entry.id   6IMI
#
_cell.length_a   58.414
_cell.length_b   80.530
_cell.length_c   163.844
_cell.angle_alpha   90.00
_cell.angle_beta   90.00
_cell.angle_gamma   90.00
#
_symmetry.space_group_name_H-M   'P 21 21 21'
#
loop_
_entity.id
_entity.type
_entity.pdbx_description
1 polymer "cAMP-specific 3',5'-cyclic phosphodiesterase 4D"
2 non-polymer 'MAGNESIUM ION'
3 non-polymer 'ZINC ION'
4 non-polymer 6-ethoxy-7-methoxy-3,4-dihydroisoquinoline-2(1H)-carbaldehyde
5 non-polymer 1,2-ETHANEDIOL
6 water water
#
_entity_poly.entity_id   1
_entity_poly.type   'polypeptide(L)'
_entity_poly.pdbx_seq_one_letter_code
;MGSSHHHHHHSSGLVPRGSHMTEQEDVLAKELEDVNKWGLHVFRIAELSGNRPLTVIMHTIFQERDLLKTFKIPVDTLIT
YLMTLEDHYHADVAYHNNIHAADVVQSTHVLLSTPALEAVFTDLEILAAIFASAIHDVDHPGVSNQFLINTNSELALMYN
DSSVLENHHLAVGFKLLQEENCDIFQNLTKKQRQSLRKMVIDIVLATDMSKHMNLLADLKTMVETKKVTSSGVLLLDNYS
DRIQVLQNMVHCADLSNPTKPLQLYRQWTDRIMEEFFRQGDRERERGMEISPMCDKHNASVEKSQVGFIDYIVHPLWETW
ADLVHPDAQDILDTLEDNREWYQSTIPQS
;
_entity_poly.pdbx_strand_id   A,B
#
loop_
_chem_comp.id
_chem_comp.type
_chem_comp.name
_chem_comp.formula
AH6 non-polymer 6-ethoxy-7-methoxy-3,4-dihydroisoquinoline-2(1H)-carbaldehyde 'C13 H17 N O3'
EDO non-polymer 1,2-ETHANEDIOL 'C2 H6 O2'
MG non-polymer 'MAGNESIUM ION' 'Mg 2'
ZN non-polymer 'ZINC ION' 'Zn 2'
#
# COMPACT_ATOMS: atom_id res chain seq x y z
N GLU A 23 29.73 -27.04 -26.39
CA GLU A 23 30.23 -27.62 -25.13
C GLU A 23 29.77 -26.78 -23.94
N GLN A 24 29.82 -25.46 -24.09
CA GLN A 24 29.32 -24.59 -23.02
C GLN A 24 27.84 -24.86 -22.74
N GLU A 25 27.06 -25.10 -23.80
CA GLU A 25 25.67 -25.47 -23.57
C GLU A 25 25.54 -26.84 -22.90
N ASP A 26 26.49 -27.74 -23.18
CA ASP A 26 26.48 -29.05 -22.52
C ASP A 26 26.72 -28.92 -21.03
N VAL A 27 27.68 -28.08 -20.63
CA VAL A 27 27.95 -27.86 -19.21
C VAL A 27 26.77 -27.19 -18.54
N LEU A 28 26.10 -26.25 -19.24
CA LEU A 28 24.95 -25.59 -18.65
C LEU A 28 23.84 -26.59 -18.38
N ALA A 29 23.56 -27.47 -19.35
CA ALA A 29 22.51 -28.45 -19.16
C ALA A 29 22.82 -29.37 -18.00
N LYS A 30 24.10 -29.76 -17.86
CA LYS A 30 24.49 -30.60 -16.73
C LYS A 30 24.20 -29.90 -15.42
N GLU A 31 24.60 -28.63 -15.29
CA GLU A 31 24.34 -27.89 -14.07
C GLU A 31 22.85 -27.75 -13.80
N LEU A 32 22.04 -27.55 -14.84
CA LEU A 32 20.61 -27.42 -14.60
C LEU A 32 19.95 -28.73 -14.15
N GLU A 33 20.64 -29.86 -14.28
CA GLU A 33 20.14 -31.11 -13.70
C GLU A 33 20.02 -31.05 -12.18
N ASP A 34 20.68 -30.09 -11.53
CA ASP A 34 20.64 -29.91 -10.07
C ASP A 34 19.51 -28.99 -9.60
N VAL A 35 18.55 -28.65 -10.46
CA VAL A 35 17.57 -27.65 -10.08
C VAL A 35 16.69 -28.06 -8.90
N ASN A 36 16.61 -29.35 -8.59
CA ASN A 36 15.82 -29.78 -7.44
C ASN A 36 16.62 -29.80 -6.15
N LYS A 37 17.86 -29.32 -6.16
CA LYS A 37 18.78 -29.49 -5.03
C LYS A 37 19.10 -28.16 -4.37
N TRP A 38 19.13 -28.17 -3.02
CA TRP A 38 19.61 -27.00 -2.28
C TRP A 38 21.11 -26.90 -2.49
N GLY A 39 21.59 -25.74 -2.90
CA GLY A 39 23.00 -25.58 -3.19
C GLY A 39 23.37 -25.63 -4.67
N LEU A 40 22.40 -25.47 -5.56
CA LEU A 40 22.65 -25.31 -6.98
C LEU A 40 23.74 -24.29 -7.25
N HIS A 41 24.56 -24.54 -8.28
CA HIS A 41 25.68 -23.65 -8.62
C HIS A 41 25.17 -22.46 -9.43
N VAL A 42 24.45 -21.57 -8.74
CA VAL A 42 23.70 -20.51 -9.42
C VAL A 42 24.66 -19.51 -10.07
N PHE A 43 25.83 -19.25 -9.47
CA PHE A 43 26.75 -18.30 -10.11
C PHE A 43 27.35 -18.90 -11.37
N ARG A 44 27.65 -20.21 -11.34
CA ARG A 44 28.14 -20.84 -12.56
C ARG A 44 27.08 -20.81 -13.63
N ILE A 45 25.83 -21.10 -13.26
CA ILE A 45 24.75 -21.05 -14.23
C ILE A 45 24.61 -19.65 -14.82
N ALA A 46 24.81 -18.61 -14.00
CA ALA A 46 24.74 -17.26 -14.52
C ALA A 46 25.78 -17.03 -15.61
N GLU A 47 27.02 -17.50 -15.40
CA GLU A 47 28.07 -17.33 -16.41
C GLU A 47 27.80 -18.21 -17.63
N LEU A 48 27.44 -19.49 -17.40
CA LEU A 48 27.30 -20.43 -18.51
C LEU A 48 26.13 -20.07 -19.41
N SER A 49 25.12 -19.42 -18.86
CA SER A 49 23.93 -19.03 -19.63
C SER A 49 24.08 -17.66 -20.28
N GLY A 50 25.23 -17.03 -20.19
CA GLY A 50 25.40 -15.69 -20.76
C GLY A 50 24.66 -14.63 -19.97
N ASN A 51 24.69 -14.73 -18.63
CA ASN A 51 23.99 -13.80 -17.73
C ASN A 51 22.47 -13.89 -17.91
N ARG A 52 21.96 -15.11 -18.12
CA ARG A 52 20.54 -15.37 -18.14
C ARG A 52 20.13 -16.43 -17.14
N PRO A 53 20.62 -16.36 -15.89
CA PRO A 53 20.21 -17.37 -14.90
C PRO A 53 18.73 -17.38 -14.64
N LEU A 54 18.09 -16.21 -14.57
CA LEU A 54 16.67 -16.21 -14.26
C LEU A 54 15.86 -16.87 -15.38
N THR A 55 16.23 -16.59 -16.63
CA THR A 55 15.51 -17.18 -17.76
C THR A 55 15.69 -18.70 -17.78
N VAL A 56 16.93 -19.18 -17.66
CA VAL A 56 17.14 -20.61 -17.86
C VAL A 56 16.62 -21.40 -16.66
N ILE A 57 16.75 -20.85 -15.44
CA ILE A 57 16.25 -21.57 -14.27
C ILE A 57 14.73 -21.58 -14.25
N MET A 58 14.08 -20.46 -14.55
CA MET A 58 12.62 -20.45 -14.63
C MET A 58 12.14 -21.41 -15.72
N HIS A 59 12.77 -21.39 -16.89
CA HIS A 59 12.34 -22.30 -17.94
C HIS A 59 12.47 -23.75 -17.48
N THR A 60 13.60 -24.09 -16.86
CA THR A 60 13.80 -25.46 -16.39
C THR A 60 12.77 -25.86 -15.36
N ILE A 61 12.46 -24.96 -14.41
CA ILE A 61 11.46 -25.25 -13.38
C ILE A 61 10.06 -25.40 -14.00
N PHE A 62 9.71 -24.56 -14.96
CA PHE A 62 8.41 -24.69 -15.60
C PHE A 62 8.28 -26.01 -16.34
N GLN A 63 9.36 -26.45 -16.98
CA GLN A 63 9.32 -27.76 -17.64
C GLN A 63 9.24 -28.88 -16.60
N GLU A 64 10.04 -28.78 -15.52
CA GLU A 64 10.06 -29.82 -14.49
C GLU A 64 8.69 -30.02 -13.85
N ARG A 65 7.95 -28.94 -13.65
CA ARG A 65 6.63 -28.97 -13.03
C ARG A 65 5.49 -29.06 -14.05
N ASP A 66 5.82 -29.18 -15.34
CA ASP A 66 4.81 -29.31 -16.41
C ASP A 66 3.88 -28.10 -16.48
N LEU A 67 4.38 -26.92 -16.09
CA LEU A 67 3.52 -25.76 -16.01
C LEU A 67 3.13 -25.22 -17.39
N LEU A 68 3.98 -25.38 -18.40
CA LEU A 68 3.60 -24.90 -19.74
C LEU A 68 2.37 -25.65 -20.24
N LYS A 69 2.36 -26.97 -20.08
CA LYS A 69 1.21 -27.76 -20.50
C LYS A 69 -0.01 -27.46 -19.64
N THR A 70 0.18 -27.40 -18.31
CA THR A 70 -0.96 -27.20 -17.41
C THR A 70 -1.68 -25.88 -17.72
N PHE A 71 -0.92 -24.82 -17.98
CA PHE A 71 -1.50 -23.50 -18.16
C PHE A 71 -1.47 -23.04 -19.60
N LYS A 72 -1.19 -23.94 -20.53
CA LYS A 72 -1.18 -23.64 -21.96
C LYS A 72 -0.31 -22.43 -22.26
N ILE A 73 0.90 -22.41 -21.71
CA ILE A 73 1.82 -21.28 -21.87
C ILE A 73 2.66 -21.54 -23.12
N PRO A 74 2.56 -20.71 -24.17
CA PRO A 74 3.44 -20.91 -25.33
C PRO A 74 4.88 -20.71 -24.93
N VAL A 75 5.75 -21.61 -25.38
CA VAL A 75 7.14 -21.58 -24.95
C VAL A 75 7.81 -20.27 -25.36
N ASP A 76 7.51 -19.78 -26.57
CA ASP A 76 8.11 -18.52 -27.02
C ASP A 76 7.63 -17.34 -26.18
N THR A 77 6.37 -17.36 -25.72
CA THR A 77 5.88 -16.31 -24.84
C THR A 77 6.61 -16.35 -23.49
N LEU A 78 6.78 -17.55 -22.92
CA LEU A 78 7.50 -17.67 -21.66
C LEU A 78 8.91 -17.13 -21.79
N ILE A 79 9.63 -17.52 -22.85
CA ILE A 79 11.01 -17.06 -22.99
C ILE A 79 11.06 -15.54 -23.20
N THR A 80 10.14 -15.01 -24.00
CA THR A 80 10.14 -13.58 -24.23
C THR A 80 9.86 -12.82 -22.93
N TYR A 81 8.86 -13.25 -22.16
CA TYR A 81 8.63 -12.59 -20.88
C TYR A 81 9.83 -12.71 -19.96
N LEU A 82 10.39 -13.91 -19.83
CA LEU A 82 11.49 -14.07 -18.88
C LEU A 82 12.68 -13.21 -19.27
N MET A 83 12.97 -13.09 -20.56
CA MET A 83 14.11 -12.30 -20.97
C MET A 83 13.87 -10.82 -20.68
N THR A 84 12.63 -10.35 -20.90
CA THR A 84 12.30 -8.97 -20.58
C THR A 84 12.32 -8.71 -19.08
N LEU A 85 11.76 -9.62 -18.30
CA LEU A 85 11.83 -9.50 -16.84
C LEU A 85 13.28 -9.45 -16.38
N GLU A 86 14.12 -10.38 -16.87
CA GLU A 86 15.51 -10.42 -16.47
C GLU A 86 16.22 -9.12 -16.84
N ASP A 87 15.91 -8.55 -18.02
CA ASP A 87 16.52 -7.28 -18.42
C ASP A 87 16.18 -6.17 -17.42
N HIS A 88 15.02 -6.25 -16.76
CA HIS A 88 14.61 -5.19 -15.86
C HIS A 88 15.21 -5.33 -14.46
N TYR A 89 16.00 -6.37 -14.21
CA TYR A 89 16.91 -6.35 -13.07
C TYR A 89 18.16 -5.58 -13.49
N HIS A 90 18.77 -4.89 -12.51
CA HIS A 90 19.90 -4.02 -12.82
C HIS A 90 21.20 -4.81 -12.83
N ALA A 91 21.86 -4.84 -13.98
CA ALA A 91 23.11 -5.58 -14.06
C ALA A 91 24.23 -4.93 -13.27
N ASP A 92 24.10 -3.66 -12.87
CA ASP A 92 25.13 -2.97 -12.13
C ASP A 92 24.90 -2.92 -10.61
N VAL A 93 23.92 -3.65 -10.09
CA VAL A 93 23.70 -3.73 -8.65
C VAL A 93 24.29 -5.06 -8.19
N ALA A 94 25.06 -5.03 -7.10
CA ALA A 94 25.89 -6.21 -6.75
C ALA A 94 25.07 -7.37 -6.21
N TYR A 95 23.99 -7.09 -5.45
CA TYR A 95 23.22 -8.15 -4.82
C TYR A 95 21.83 -8.30 -5.43
N HIS A 96 21.05 -7.22 -5.48
CA HIS A 96 19.65 -7.29 -5.90
C HIS A 96 19.50 -7.29 -7.43
N ASN A 97 20.03 -8.35 -8.03
CA ASN A 97 20.08 -8.47 -9.48
C ASN A 97 19.44 -9.77 -9.92
N ASN A 98 19.57 -10.11 -11.21
CA ASN A 98 18.94 -11.31 -11.75
C ASN A 98 19.46 -12.60 -11.12
N ILE A 99 20.71 -12.62 -10.60
CA ILE A 99 21.20 -13.84 -9.98
C ILE A 99 20.45 -14.08 -8.66
N HIS A 100 20.24 -13.01 -7.88
CA HIS A 100 19.44 -13.13 -6.68
C HIS A 100 18.02 -13.61 -7.01
N ALA A 101 17.38 -13.02 -8.05
CA ALA A 101 16.04 -13.47 -8.42
C ALA A 101 16.04 -14.96 -8.78
N ALA A 102 17.02 -15.40 -9.57
CA ALA A 102 17.07 -16.80 -9.97
C ALA A 102 17.26 -17.69 -8.74
N ASP A 103 18.08 -17.24 -7.80
CA ASP A 103 18.31 -18.00 -6.58
C ASP A 103 17.04 -18.12 -5.75
N VAL A 104 16.28 -17.02 -5.62
CA VAL A 104 15.05 -17.08 -4.81
C VAL A 104 14.02 -17.97 -5.50
N VAL A 105 13.90 -17.88 -6.84
CA VAL A 105 13.03 -18.78 -7.60
C VAL A 105 13.38 -20.24 -7.31
N GLN A 106 14.67 -20.59 -7.45
CA GLN A 106 15.04 -21.99 -7.32
C GLN A 106 14.88 -22.48 -5.90
N SER A 107 15.16 -21.62 -4.92
CA SER A 107 14.98 -21.98 -3.52
C SER A 107 13.48 -22.20 -3.20
N THR A 108 12.61 -21.29 -3.68
CA THR A 108 11.16 -21.53 -3.53
C THR A 108 10.73 -22.84 -4.17
N HIS A 109 11.28 -23.15 -5.35
CA HIS A 109 10.96 -24.40 -6.03
C HIS A 109 11.33 -25.61 -5.18
N VAL A 110 12.48 -25.58 -4.51
CA VAL A 110 12.84 -26.68 -3.60
C VAL A 110 11.91 -26.72 -2.40
N LEU A 111 11.61 -25.56 -1.80
CA LEU A 111 10.76 -25.60 -0.61
C LEU A 111 9.35 -26.09 -0.92
N LEU A 112 8.84 -25.79 -2.13
CA LEU A 112 7.51 -26.24 -2.52
C LEU A 112 7.44 -27.75 -2.62
N SER A 113 8.59 -28.42 -2.87
CA SER A 113 8.64 -29.87 -3.02
C SER A 113 8.81 -30.62 -1.71
N THR A 114 8.78 -29.93 -0.58
CA THR A 114 9.07 -30.59 0.69
C THR A 114 7.98 -31.63 1.01
N PRO A 115 8.35 -32.78 1.56
CA PRO A 115 7.34 -33.84 1.77
C PRO A 115 6.13 -33.41 2.57
N ALA A 116 6.31 -32.53 3.57
CA ALA A 116 5.21 -32.05 4.40
C ALA A 116 4.17 -31.24 3.62
N LEU A 117 4.47 -30.84 2.40
CA LEU A 117 3.53 -30.05 1.60
C LEU A 117 3.02 -30.82 0.38
N GLU A 118 3.25 -32.14 0.31
CA GLU A 118 2.84 -32.89 -0.88
C GLU A 118 1.33 -32.80 -1.11
N ALA A 119 0.95 -32.42 -2.32
CA ALA A 119 -0.45 -32.29 -2.75
C ALA A 119 -1.23 -31.23 -1.96
N VAL A 120 -0.53 -30.35 -1.25
CA VAL A 120 -1.22 -29.33 -0.45
C VAL A 120 -1.66 -28.17 -1.35
N PHE A 121 -0.78 -27.68 -2.20
CA PHE A 121 -1.05 -26.50 -3.01
C PHE A 121 -1.50 -26.87 -4.42
N THR A 122 -2.41 -26.08 -4.97
CA THR A 122 -2.88 -26.27 -6.34
C THR A 122 -1.80 -25.84 -7.32
N ASP A 123 -1.98 -26.24 -8.58
CA ASP A 123 -1.08 -25.77 -9.63
C ASP A 123 -1.06 -24.24 -9.71
N LEU A 124 -2.21 -23.58 -9.50
CA LEU A 124 -2.24 -22.12 -9.57
C LEU A 124 -1.46 -21.50 -8.42
N GLU A 125 -1.53 -22.10 -7.22
CA GLU A 125 -0.78 -21.57 -6.09
C GLU A 125 0.73 -21.76 -6.30
N ILE A 126 1.12 -22.90 -6.87
CA ILE A 126 2.51 -23.16 -7.19
C ILE A 126 3.00 -22.14 -8.21
N LEU A 127 2.20 -21.91 -9.27
CA LEU A 127 2.56 -20.90 -10.27
C LEU A 127 2.71 -19.53 -9.62
N ALA A 128 1.80 -19.17 -8.72
CA ALA A 128 1.88 -17.86 -8.05
C ALA A 128 3.16 -17.71 -7.25
N ALA A 129 3.54 -18.73 -6.45
CA ALA A 129 4.73 -18.63 -5.62
C ALA A 129 5.99 -18.50 -6.47
N ILE A 130 6.07 -19.26 -7.56
CA ILE A 130 7.23 -19.22 -8.43
C ILE A 130 7.31 -17.89 -9.17
N PHE A 131 6.19 -17.44 -9.73
CA PHE A 131 6.18 -16.15 -10.42
C PHE A 131 6.48 -15.00 -9.45
N ALA A 132 5.89 -15.04 -8.25
CA ALA A 132 6.20 -14.02 -7.27
C ALA A 132 7.70 -13.98 -6.98
N SER A 133 8.33 -15.14 -6.83
CA SER A 133 9.77 -15.15 -6.54
C SER A 133 10.55 -14.54 -7.68
N ALA A 134 10.13 -14.81 -8.92
CA ALA A 134 10.87 -14.32 -10.08
C ALA A 134 10.84 -12.79 -10.16
N ILE A 135 9.69 -12.17 -9.82
CA ILE A 135 9.52 -10.72 -9.98
C ILE A 135 9.85 -9.95 -8.72
N HIS A 136 10.13 -10.65 -7.61
CA HIS A 136 10.00 -10.03 -6.29
C HIS A 136 10.97 -8.88 -6.03
N ASP A 137 12.08 -8.77 -6.78
CA ASP A 137 13.01 -7.63 -6.63
C ASP A 137 13.25 -6.89 -7.94
N VAL A 138 12.36 -7.02 -8.92
CA VAL A 138 12.67 -6.48 -10.25
C VAL A 138 12.81 -4.95 -10.22
N ASP A 139 13.80 -4.44 -10.96
CA ASP A 139 14.07 -3.00 -11.01
C ASP A 139 14.53 -2.45 -9.67
N HIS A 140 15.12 -3.28 -8.82
CA HIS A 140 15.66 -2.79 -7.55
C HIS A 140 16.84 -1.87 -7.81
N PRO A 141 16.87 -0.66 -7.24
CA PRO A 141 17.95 0.29 -7.49
C PRO A 141 19.21 0.08 -6.66
N GLY A 142 19.20 -0.90 -5.75
CA GLY A 142 20.34 -1.16 -4.87
C GLY A 142 20.43 -0.30 -3.62
N VAL A 143 19.34 0.37 -3.23
CA VAL A 143 19.28 1.13 -1.98
C VAL A 143 17.99 0.74 -1.28
N SER A 144 17.94 0.99 0.03
CA SER A 144 16.83 0.48 0.86
C SER A 144 15.60 1.39 0.78
N ASN A 145 14.47 0.86 1.25
CA ASN A 145 13.27 1.69 1.42
C ASN A 145 13.56 2.93 2.24
N GLN A 146 14.29 2.78 3.36
CA GLN A 146 14.53 3.94 4.21
C GLN A 146 15.35 5.00 3.47
N PHE A 147 16.32 4.58 2.65
CA PHE A 147 17.07 5.55 1.87
C PHE A 147 16.17 6.29 0.89
N LEU A 148 15.28 5.55 0.21
CA LEU A 148 14.36 6.15 -0.76
C LEU A 148 13.41 7.12 -0.07
N ILE A 149 12.98 6.79 1.15
CA ILE A 149 12.11 7.71 1.91
C ILE A 149 12.88 8.96 2.35
N ASN A 150 14.08 8.76 2.90
CA ASN A 150 14.83 9.87 3.49
C ASN A 150 15.37 10.84 2.45
N THR A 151 15.53 10.38 1.21
CA THR A 151 16.01 11.22 0.11
C THR A 151 14.88 11.80 -0.73
N ASN A 152 13.63 11.63 -0.33
CA ASN A 152 12.49 12.20 -1.03
C ASN A 152 12.44 11.74 -2.48
N SER A 153 12.73 10.45 -2.70
CA SER A 153 12.80 9.89 -4.05
C SER A 153 11.43 9.88 -4.71
N GLU A 154 11.44 9.83 -6.04
CA GLU A 154 10.19 9.72 -6.80
C GLU A 154 9.43 8.46 -6.42
N LEU A 155 10.14 7.35 -6.18
CA LEU A 155 9.46 6.11 -5.78
C LEU A 155 8.75 6.29 -4.45
N ALA A 156 9.39 6.93 -3.48
CA ALA A 156 8.74 7.09 -2.19
C ALA A 156 7.56 8.04 -2.28
N LEU A 157 7.65 9.04 -3.16
CA LEU A 157 6.53 9.95 -3.40
C LEU A 157 5.35 9.20 -4.04
N MET A 158 5.65 8.31 -5.00
CA MET A 158 4.59 7.55 -5.65
CA MET A 158 4.58 7.57 -5.63
C MET A 158 3.86 6.65 -4.65
N TYR A 159 4.62 6.01 -3.75
CA TYR A 159 4.09 4.95 -2.89
C TYR A 159 3.85 5.38 -1.44
N ASN A 160 3.93 6.68 -1.14
CA ASN A 160 3.53 7.18 0.18
C ASN A 160 4.28 6.47 1.28
N ASP A 161 5.57 6.21 1.01
CA ASP A 161 6.54 5.69 1.98
C ASP A 161 6.23 4.28 2.47
N SER A 162 5.31 3.58 1.81
CA SER A 162 4.79 2.31 2.34
C SER A 162 5.17 1.17 1.40
N SER A 163 5.97 0.23 1.90
CA SER A 163 6.54 -0.87 1.07
C SER A 163 6.91 -0.34 -0.32
N VAL A 164 7.76 0.69 -0.34
CA VAL A 164 8.03 1.41 -1.57
C VAL A 164 8.58 0.48 -2.64
N LEU A 165 9.69 -0.18 -2.34
CA LEU A 165 10.30 -1.08 -3.31
C LEU A 165 9.35 -2.20 -3.73
N GLU A 166 8.70 -2.82 -2.74
CA GLU A 166 7.93 -4.02 -3.03
C GLU A 166 6.71 -3.70 -3.89
N ASN A 167 6.06 -2.55 -3.65
CA ASN A 167 4.99 -2.13 -4.56
C ASN A 167 5.52 -1.94 -5.96
N HIS A 168 6.70 -1.35 -6.09
CA HIS A 168 7.29 -1.10 -7.41
C HIS A 168 7.64 -2.41 -8.11
N HIS A 169 8.21 -3.39 -7.38
CA HIS A 169 8.56 -4.66 -8.01
C HIS A 169 7.32 -5.32 -8.60
N LEU A 170 6.22 -5.30 -7.86
CA LEU A 170 4.98 -5.87 -8.34
C LEU A 170 4.47 -5.13 -9.58
N ALA A 171 4.46 -3.79 -9.51
CA ALA A 171 3.93 -3.01 -10.64
C ALA A 171 4.73 -3.28 -11.92
N VAL A 172 6.07 -3.34 -11.82
CA VAL A 172 6.90 -3.64 -12.97
C VAL A 172 6.66 -5.07 -13.46
N GLY A 173 6.65 -6.04 -12.54
CA GLY A 173 6.52 -7.43 -12.97
C GLY A 173 5.21 -7.68 -13.69
N PHE A 174 4.14 -7.06 -13.21
CA PHE A 174 2.86 -7.22 -13.90
C PHE A 174 2.82 -6.40 -15.19
N LYS A 175 3.36 -5.17 -15.20
CA LYS A 175 3.28 -4.36 -16.41
C LYS A 175 4.02 -5.03 -17.57
N LEU A 176 5.10 -5.74 -17.28
CA LEU A 176 5.87 -6.37 -18.36
C LEU A 176 5.08 -7.46 -19.06
N LEU A 177 4.05 -8.03 -18.42
CA LEU A 177 3.22 -9.01 -19.10
C LEU A 177 2.47 -8.42 -20.28
N GLN A 178 2.35 -7.09 -20.35
CA GLN A 178 1.63 -6.40 -21.40
C GLN A 178 2.49 -6.09 -22.61
N GLU A 179 3.80 -6.34 -22.53
CA GLU A 179 4.66 -6.14 -23.68
C GLU A 179 4.42 -7.21 -24.74
N GLU A 180 4.95 -6.97 -25.95
CA GLU A 180 4.65 -7.83 -27.09
C GLU A 180 5.05 -9.29 -26.82
N ASN A 181 4.09 -10.19 -26.95
CA ASN A 181 4.30 -11.63 -26.76
C ASN A 181 4.87 -11.96 -25.39
N CYS A 182 4.39 -11.26 -24.37
CA CYS A 182 4.84 -11.46 -23.00
C CYS A 182 3.76 -11.97 -22.07
N ASP A 183 2.50 -12.12 -22.53
CA ASP A 183 1.45 -12.48 -21.55
C ASP A 183 1.45 -13.97 -21.33
N ILE A 184 2.29 -14.41 -20.39
CA ILE A 184 2.37 -15.83 -20.09
C ILE A 184 1.09 -16.38 -19.48
N PHE A 185 0.19 -15.52 -18.99
CA PHE A 185 -1.06 -15.98 -18.42
C PHE A 185 -2.25 -15.86 -19.38
N GLN A 186 -1.97 -15.75 -20.69
CA GLN A 186 -3.00 -15.47 -21.69
C GLN A 186 -4.09 -16.55 -21.73
N ASN A 187 -3.78 -17.78 -21.32
CA ASN A 187 -4.73 -18.87 -21.39
C ASN A 187 -5.31 -19.27 -20.04
N LEU A 188 -5.04 -18.51 -18.97
CA LEU A 188 -5.76 -18.73 -17.73
C LEU A 188 -7.16 -18.17 -17.85
N THR A 189 -8.09 -18.77 -17.10
CA THR A 189 -9.43 -18.20 -17.01
C THR A 189 -9.37 -16.85 -16.29
N LYS A 190 -10.47 -16.09 -16.39
CA LYS A 190 -10.52 -14.82 -15.68
C LYS A 190 -10.41 -15.01 -14.17
N LYS A 191 -11.13 -15.99 -13.63
CA LYS A 191 -11.04 -16.27 -12.19
C LYS A 191 -9.63 -16.70 -11.81
N GLN A 192 -8.96 -17.47 -12.67
CA GLN A 192 -7.58 -17.87 -12.38
C GLN A 192 -6.64 -16.67 -12.38
N ARG A 193 -6.79 -15.76 -13.35
CA ARG A 193 -5.93 -14.59 -13.40
C ARG A 193 -6.15 -13.70 -12.17
N GLN A 194 -7.41 -13.54 -11.76
CA GLN A 194 -7.73 -12.72 -10.59
C GLN A 194 -7.13 -13.33 -9.33
N SER A 195 -7.26 -14.65 -9.17
CA SER A 195 -6.72 -15.30 -7.97
C SER A 195 -5.20 -15.26 -7.96
N LEU A 196 -4.59 -15.50 -9.11
CA LEU A 196 -3.12 -15.45 -9.19
C LEU A 196 -2.61 -14.05 -8.86
N ARG A 197 -3.22 -13.01 -9.42
CA ARG A 197 -2.77 -11.65 -9.16
C ARG A 197 -2.83 -11.33 -7.67
N LYS A 198 -3.94 -11.69 -7.01
CA LYS A 198 -4.05 -11.41 -5.58
C LYS A 198 -2.98 -12.15 -4.78
N MET A 199 -2.76 -13.43 -5.10
CA MET A 199 -1.77 -14.20 -4.37
C MET A 199 -0.35 -13.64 -4.56
N VAL A 200 0.00 -13.25 -5.80
CA VAL A 200 1.33 -12.71 -6.08
C VAL A 200 1.54 -11.40 -5.33
N ILE A 201 0.53 -10.53 -5.31
CA ILE A 201 0.63 -9.29 -4.54
C ILE A 201 0.85 -9.59 -3.06
N ASP A 202 0.05 -10.52 -2.51
CA ASP A 202 0.19 -10.82 -1.08
C ASP A 202 1.58 -11.37 -0.78
N ILE A 203 2.11 -12.20 -1.67
CA ILE A 203 3.44 -12.79 -1.46
C ILE A 203 4.55 -11.74 -1.54
N VAL A 204 4.59 -10.94 -2.62
CA VAL A 204 5.68 -9.99 -2.76
C VAL A 204 5.64 -8.91 -1.66
N LEU A 205 4.45 -8.42 -1.27
CA LEU A 205 4.41 -7.43 -0.21
C LEU A 205 4.98 -7.99 1.09
N ALA A 206 4.90 -9.30 1.30
CA ALA A 206 5.44 -9.92 2.52
C ALA A 206 6.95 -10.03 2.52
N THR A 207 7.62 -9.66 1.41
CA THR A 207 9.07 -9.65 1.40
C THR A 207 9.65 -8.35 1.95
N ASP A 208 8.80 -7.35 2.25
CA ASP A 208 9.27 -6.13 2.90
C ASP A 208 9.78 -6.47 4.30
N MET A 209 11.07 -6.17 4.58
CA MET A 209 11.60 -6.57 5.87
C MET A 209 10.88 -5.89 7.03
N SER A 210 10.21 -4.75 6.79
CA SER A 210 9.46 -4.16 7.90
C SER A 210 8.30 -5.04 8.37
N LYS A 211 7.92 -6.06 7.59
CA LYS A 211 6.85 -6.98 7.95
C LYS A 211 7.36 -8.26 8.60
N HIS A 212 8.68 -8.43 8.72
CA HIS A 212 9.24 -9.70 9.15
C HIS A 212 8.75 -10.13 10.53
N MET A 213 8.77 -9.22 11.50
CA MET A 213 8.45 -9.65 12.86
C MET A 213 7.00 -10.14 12.96
N ASN A 214 6.08 -9.43 12.31
CA ASN A 214 4.68 -9.87 12.37
C ASN A 214 4.48 -11.16 11.58
N LEU A 215 5.15 -11.29 10.44
CA LEU A 215 5.08 -12.54 9.68
C LEU A 215 5.60 -13.72 10.50
N LEU A 216 6.72 -13.53 11.19
CA LEU A 216 7.29 -14.62 11.98
C LEU A 216 6.40 -14.95 13.17
N ALA A 217 5.88 -13.92 13.83
CA ALA A 217 4.99 -14.16 14.95
C ALA A 217 3.80 -15.02 14.52
N ASP A 218 3.25 -14.72 13.34
CA ASP A 218 2.12 -15.51 12.83
C ASP A 218 2.55 -16.93 12.46
N LEU A 219 3.74 -17.08 11.86
CA LEU A 219 4.19 -18.43 11.53
C LEU A 219 4.38 -19.26 12.80
N LYS A 220 4.91 -18.65 13.87
CA LYS A 220 5.06 -19.39 15.13
C LYS A 220 3.71 -19.82 15.68
N THR A 221 2.70 -18.95 15.59
CA THR A 221 1.36 -19.33 16.03
C THR A 221 0.83 -20.52 15.22
N MET A 222 1.03 -20.50 13.89
CA MET A 222 0.64 -21.64 13.07
C MET A 222 1.36 -22.92 13.50
N VAL A 223 2.67 -22.85 13.75
CA VAL A 223 3.41 -24.03 14.19
C VAL A 223 2.83 -24.57 15.49
N GLU A 224 2.53 -23.68 16.43
CA GLU A 224 2.05 -24.12 17.75
C GLU A 224 0.66 -24.73 17.68
N THR A 225 -0.11 -24.43 16.62
CA THR A 225 -1.47 -24.92 16.47
C THR A 225 -1.62 -25.82 15.24
N LYS A 226 -0.53 -26.37 14.73
CA LYS A 226 -0.62 -26.91 13.37
C LYS A 226 -1.41 -28.21 13.35
N LYS A 227 -2.09 -28.44 12.24
CA LYS A 227 -2.88 -29.64 12.02
C LYS A 227 -2.30 -30.39 10.83
N VAL A 228 -2.22 -31.71 10.95
CA VAL A 228 -1.71 -32.56 9.88
C VAL A 228 -2.81 -33.52 9.46
N THR A 229 -2.77 -33.93 8.20
CA THR A 229 -3.77 -34.85 7.69
C THR A 229 -3.38 -36.29 8.03
N SER A 230 -4.26 -37.22 7.65
CA SER A 230 -3.99 -38.64 7.79
C SER A 230 -2.72 -39.03 7.03
N SER A 231 -2.45 -38.37 5.90
CA SER A 231 -1.24 -38.60 5.13
C SER A 231 0.00 -38.00 5.77
N GLY A 232 -0.16 -37.16 6.78
CA GLY A 232 0.97 -36.55 7.44
C GLY A 232 1.39 -35.22 6.87
N VAL A 233 0.63 -34.66 5.93
CA VAL A 233 0.97 -33.37 5.38
C VAL A 233 0.21 -32.27 6.13
N LEU A 234 0.68 -31.04 5.95
CA LEU A 234 0.06 -29.90 6.58
C LEU A 234 -1.37 -29.72 6.08
N LEU A 235 -2.30 -29.49 7.00
CA LEU A 235 -3.69 -29.23 6.65
C LEU A 235 -3.89 -27.72 6.62
N LEU A 236 -4.15 -27.17 5.41
CA LEU A 236 -4.36 -25.74 5.20
C LEU A 236 -5.72 -25.53 4.52
N ASP A 237 -6.73 -25.15 5.29
CA ASP A 237 -8.11 -25.23 4.80
C ASP A 237 -8.79 -23.87 4.61
N ASN A 238 -8.03 -22.80 4.52
CA ASN A 238 -8.61 -21.49 4.23
C ASN A 238 -7.53 -20.64 3.59
N TYR A 239 -7.95 -19.56 2.94
CA TYR A 239 -6.99 -18.72 2.22
C TYR A 239 -5.96 -18.12 3.15
N SER A 240 -6.39 -17.68 4.33
CA SER A 240 -5.47 -17.01 5.25
C SER A 240 -4.28 -17.91 5.61
N ASP A 241 -4.54 -19.17 5.95
CA ASP A 241 -3.45 -20.09 6.27
C ASP A 241 -2.63 -20.46 5.04
N ARG A 242 -3.29 -20.67 3.89
CA ARG A 242 -2.57 -21.04 2.67
C ARG A 242 -1.62 -19.92 2.24
N ILE A 243 -2.12 -18.68 2.20
CA ILE A 243 -1.27 -17.56 1.76
C ILE A 243 -0.17 -17.28 2.77
N GLN A 244 -0.45 -17.48 4.07
CA GLN A 244 0.60 -17.26 5.07
C GLN A 244 1.76 -18.23 4.89
N VAL A 245 1.46 -19.49 4.57
CA VAL A 245 2.54 -20.43 4.31
C VAL A 245 3.33 -20.02 3.07
N LEU A 246 2.65 -19.61 2.00
CA LEU A 246 3.37 -19.20 0.80
C LEU A 246 4.18 -17.93 1.02
N GLN A 247 3.64 -16.98 1.79
CA GLN A 247 4.39 -15.77 2.11
C GLN A 247 5.66 -16.10 2.87
N ASN A 248 5.55 -16.96 3.90
CA ASN A 248 6.73 -17.30 4.67
C ASN A 248 7.69 -18.16 3.87
N MET A 249 7.19 -19.02 2.97
CA MET A 249 8.07 -19.81 2.10
C MET A 249 8.96 -18.91 1.26
N VAL A 250 8.36 -17.93 0.56
CA VAL A 250 9.14 -17.03 -0.29
C VAL A 250 10.04 -16.11 0.56
N HIS A 251 9.58 -15.70 1.75
CA HIS A 251 10.43 -14.92 2.64
C HIS A 251 11.65 -15.74 3.09
N CYS A 252 11.45 -17.03 3.38
CA CYS A 252 12.58 -17.90 3.73
C CYS A 252 13.53 -18.05 2.56
N ALA A 253 13.00 -18.23 1.34
CA ALA A 253 13.85 -18.30 0.16
C ALA A 253 14.65 -17.00 -0.02
N ASP A 254 14.00 -15.87 0.23
CA ASP A 254 14.67 -14.56 0.09
C ASP A 254 15.78 -14.41 1.13
N LEU A 255 15.59 -15.00 2.31
CA LEU A 255 16.56 -14.97 3.41
C LEU A 255 17.33 -16.28 3.53
N SER A 256 17.61 -16.94 2.41
CA SER A 256 18.20 -18.28 2.47
C SER A 256 19.72 -18.29 2.33
N ASN A 257 20.37 -17.14 2.07
CA ASN A 257 21.79 -17.21 1.76
C ASN A 257 22.61 -17.91 2.85
N PRO A 258 22.41 -17.64 4.15
CA PRO A 258 23.25 -18.29 5.17
C PRO A 258 22.94 -19.76 5.36
N THR A 259 21.91 -20.28 4.68
CA THR A 259 21.60 -21.70 4.76
C THR A 259 22.23 -22.50 3.65
N LYS A 260 22.92 -21.83 2.73
CA LYS A 260 23.51 -22.47 1.57
C LYS A 260 24.92 -22.92 1.88
N PRO A 261 25.47 -23.86 1.10
CA PRO A 261 26.89 -24.21 1.25
C PRO A 261 27.77 -22.96 1.30
N LEU A 262 28.81 -23.01 2.12
CA LEU A 262 29.57 -21.82 2.50
C LEU A 262 30.15 -21.09 1.30
N GLN A 263 30.56 -21.81 0.25
CA GLN A 263 31.14 -21.09 -0.88
C GLN A 263 30.10 -20.23 -1.59
N LEU A 264 28.83 -20.63 -1.53
CA LEU A 264 27.77 -19.78 -2.07
C LEU A 264 27.47 -18.62 -1.11
N TYR A 265 27.30 -18.94 0.17
CA TYR A 265 27.01 -17.93 1.17
C TYR A 265 28.05 -16.81 1.18
N ARG A 266 29.35 -17.14 1.13
CA ARG A 266 30.36 -16.07 1.17
C ARG A 266 30.27 -15.15 -0.06
N GLN A 267 29.90 -15.68 -1.22
CA GLN A 267 29.72 -14.81 -2.37
C GLN A 267 28.55 -13.87 -2.16
N TRP A 268 27.44 -14.36 -1.60
CA TRP A 268 26.32 -13.48 -1.29
C TRP A 268 26.71 -12.42 -0.28
N THR A 269 27.53 -12.77 0.72
CA THR A 269 27.97 -11.76 1.69
C THR A 269 28.81 -10.68 1.01
N ASP A 270 29.73 -11.09 0.13
CA ASP A 270 30.54 -10.10 -0.58
C ASP A 270 29.63 -9.15 -1.37
N ARG A 271 28.59 -9.67 -1.99
CA ARG A 271 27.72 -8.85 -2.82
C ARG A 271 26.86 -7.91 -1.98
N ILE A 272 26.25 -8.40 -0.89
CA ILE A 272 25.41 -7.48 -0.13
C ILE A 272 26.27 -6.38 0.48
N MET A 273 27.50 -6.70 0.89
CA MET A 273 28.33 -5.66 1.49
C MET A 273 28.73 -4.61 0.47
N GLU A 274 29.03 -5.02 -0.77
CA GLU A 274 29.31 -4.02 -1.79
C GLU A 274 28.11 -3.09 -1.98
N GLU A 275 26.90 -3.66 -2.02
CA GLU A 275 25.72 -2.85 -2.24
C GLU A 275 25.49 -1.92 -1.05
N PHE A 276 25.63 -2.45 0.17
CA PHE A 276 25.49 -1.64 1.38
C PHE A 276 26.51 -0.51 1.43
N PHE A 277 27.79 -0.84 1.15
CA PHE A 277 28.83 0.18 1.21
C PHE A 277 28.57 1.28 0.20
N ARG A 278 28.07 0.93 -0.99
CA ARG A 278 27.75 1.98 -1.96
C ARG A 278 26.61 2.88 -1.48
N GLN A 279 25.61 2.31 -0.81
CA GLN A 279 24.58 3.15 -0.21
C GLN A 279 25.16 4.05 0.87
N GLY A 280 26.01 3.50 1.73
CA GLY A 280 26.60 4.30 2.79
C GLY A 280 27.46 5.44 2.26
N ASP A 281 28.10 5.24 1.10
CA ASP A 281 28.87 6.32 0.52
C ASP A 281 27.96 7.46 0.08
N ARG A 282 26.78 7.13 -0.45
CA ARG A 282 25.80 8.16 -0.81
C ARG A 282 25.25 8.89 0.41
N GLU A 283 25.00 8.15 1.49
CA GLU A 283 24.53 8.79 2.73
C GLU A 283 25.60 9.70 3.30
N ARG A 284 26.85 9.25 3.32
CA ARG A 284 27.92 10.06 3.90
C ARG A 284 28.09 11.34 3.10
N GLU A 285 28.03 11.24 1.77
CA GLU A 285 28.20 12.43 0.93
C GLU A 285 27.07 13.43 1.13
N ARG A 286 25.87 12.96 1.46
CA ARG A 286 24.71 13.82 1.67
C ARG A 286 24.62 14.35 3.09
N GLY A 287 25.58 14.02 3.95
CA GLY A 287 25.50 14.44 5.34
C GLY A 287 24.48 13.68 6.15
N MET A 288 24.04 12.52 5.66
CA MET A 288 23.07 11.70 6.36
C MET A 288 23.78 10.76 7.32
N GLU A 289 23.07 10.37 8.38
CA GLU A 289 23.52 9.25 9.20
C GLU A 289 23.60 8.01 8.32
N ILE A 290 24.71 7.29 8.42
CA ILE A 290 24.90 6.08 7.62
C ILE A 290 24.11 4.94 8.23
N SER A 291 23.42 4.18 7.36
CA SER A 291 22.55 3.10 7.80
C SER A 291 23.38 1.98 8.41
N PRO A 292 22.78 1.15 9.27
CA PRO A 292 23.52 0.02 9.85
C PRO A 292 24.16 -0.82 8.75
N MET A 293 25.41 -1.22 8.98
CA MET A 293 26.20 -2.08 8.09
C MET A 293 26.64 -1.40 6.80
N CYS A 294 26.42 -0.10 6.65
CA CYS A 294 26.72 0.56 5.40
C CYS A 294 27.97 1.41 5.41
N ASP A 295 28.69 1.48 6.53
CA ASP A 295 29.86 2.37 6.67
C ASP A 295 31.12 1.52 6.50
N LYS A 296 31.73 1.63 5.31
CA LYS A 296 32.91 0.81 5.00
C LYS A 296 34.11 1.14 5.90
N HIS A 297 34.09 2.28 6.58
CA HIS A 297 35.17 2.66 7.49
C HIS A 297 34.95 2.18 8.91
N ASN A 298 33.75 1.65 9.22
CA ASN A 298 33.38 1.19 10.56
C ASN A 298 32.52 -0.05 10.45
N ALA A 299 32.86 -0.94 9.53
CA ALA A 299 32.09 -2.16 9.30
C ALA A 299 32.76 -3.35 9.99
N SER A 300 31.95 -4.25 10.52
CA SER A 300 32.42 -5.61 10.78
C SER A 300 31.51 -6.54 10.00
N VAL A 301 32.01 -7.00 8.85
CA VAL A 301 31.23 -7.91 8.01
C VAL A 301 30.86 -9.17 8.77
N GLU A 302 31.81 -9.72 9.53
CA GLU A 302 31.57 -11.00 10.19
C GLU A 302 30.59 -10.87 11.34
N LYS A 303 30.76 -9.85 12.18
CA LYS A 303 29.80 -9.65 13.27
C LYS A 303 28.42 -9.37 12.70
N SER A 304 28.35 -8.66 11.59
CA SER A 304 27.06 -8.38 10.95
C SER A 304 26.36 -9.64 10.46
N GLN A 305 27.12 -10.60 9.92
CA GLN A 305 26.50 -11.85 9.53
C GLN A 305 26.01 -12.65 10.73
N VAL A 306 26.82 -12.74 11.78
CA VAL A 306 26.40 -13.48 12.97
C VAL A 306 25.14 -12.85 13.57
N GLY A 307 25.09 -11.52 13.62
CA GLY A 307 23.91 -10.83 14.12
C GLY A 307 22.69 -11.08 13.27
N PHE A 308 22.85 -10.97 11.94
N PHE A 308 22.84 -11.03 11.95
CA PHE A 308 21.79 -11.27 10.96
CA PHE A 308 21.67 -11.24 11.12
C PHE A 308 21.21 -12.65 11.23
C PHE A 308 21.18 -12.69 11.20
N ILE A 309 22.09 -13.65 11.36
CA ILE A 309 21.63 -15.02 11.58
C ILE A 309 20.91 -15.12 12.92
N ASP A 310 21.55 -14.62 13.98
CA ASP A 310 21.00 -14.86 15.32
C ASP A 310 19.64 -14.20 15.52
N TYR A 311 19.44 -13.01 14.95
CA TYR A 311 18.24 -12.23 15.22
C TYR A 311 17.17 -12.33 14.14
N ILE A 312 17.53 -12.72 12.91
CA ILE A 312 16.59 -12.77 11.79
C ILE A 312 16.53 -14.15 11.18
N VAL A 313 17.67 -14.62 10.63
CA VAL A 313 17.61 -15.78 9.72
C VAL A 313 17.35 -17.06 10.50
N HIS A 314 18.03 -17.26 11.63
CA HIS A 314 17.81 -18.50 12.37
C HIS A 314 16.43 -18.54 13.03
N PRO A 315 15.95 -17.46 13.67
CA PRO A 315 14.58 -17.53 14.20
C PRO A 315 13.56 -17.91 13.13
N LEU A 316 13.71 -17.37 11.92
CA LEU A 316 12.79 -17.69 10.83
C LEU A 316 12.93 -19.15 10.39
N TRP A 317 14.18 -19.57 10.08
CA TRP A 317 14.39 -20.92 9.57
C TRP A 317 14.12 -22.01 10.61
N GLU A 318 14.39 -21.75 11.90
CA GLU A 318 14.03 -22.72 12.93
C GLU A 318 12.52 -22.92 12.97
N THR A 319 11.75 -21.85 12.76
CA THR A 319 10.29 -21.96 12.76
C THR A 319 9.78 -22.66 11.50
N TRP A 320 10.32 -22.30 10.32
CA TRP A 320 9.95 -23.04 9.12
C TRP A 320 10.29 -24.52 9.28
N ALA A 321 11.45 -24.82 9.84
CA ALA A 321 11.83 -26.22 10.05
C ALA A 321 10.84 -26.92 10.97
N ASP A 322 10.34 -26.21 11.99
CA ASP A 322 9.30 -26.80 12.85
C ASP A 322 8.03 -27.08 12.07
N LEU A 323 7.65 -26.18 11.15
CA LEU A 323 6.42 -26.36 10.38
C LEU A 323 6.48 -27.63 9.54
N VAL A 324 7.62 -27.90 8.92
CA VAL A 324 7.77 -29.02 7.98
C VAL A 324 8.58 -30.17 8.58
N HIS A 325 8.74 -30.22 9.90
CA HIS A 325 9.67 -31.14 10.54
C HIS A 325 9.40 -32.58 10.10
N PRO A 326 10.45 -33.37 9.79
CA PRO A 326 11.88 -33.01 9.88
C PRO A 326 12.50 -32.63 8.52
N ASP A 327 11.66 -32.21 7.56
CA ASP A 327 12.10 -32.05 6.17
C ASP A 327 13.29 -31.10 6.03
N ALA A 328 13.34 -30.04 6.82
CA ALA A 328 14.34 -29.00 6.65
C ALA A 328 15.55 -29.16 7.59
N GLN A 329 15.73 -30.34 8.18
CA GLN A 329 16.80 -30.49 9.16
C GLN A 329 18.19 -30.23 8.58
N ASP A 330 18.45 -30.71 7.36
CA ASP A 330 19.78 -30.51 6.77
C ASP A 330 20.03 -29.04 6.47
N ILE A 331 19.00 -28.32 6.04
CA ILE A 331 19.14 -26.89 5.78
C ILE A 331 19.46 -26.16 7.08
N LEU A 332 18.73 -26.51 8.14
CA LEU A 332 18.98 -25.86 9.43
C LEU A 332 20.38 -26.18 9.92
N ASP A 333 20.83 -27.43 9.74
CA ASP A 333 22.17 -27.81 10.16
C ASP A 333 23.24 -27.00 9.42
N THR A 334 23.05 -26.76 8.12
CA THR A 334 24.02 -25.93 7.38
C THR A 334 24.03 -24.51 7.91
N LEU A 335 22.84 -23.95 8.15
CA LEU A 335 22.77 -22.61 8.72
C LEU A 335 23.57 -22.53 10.03
N GLU A 336 23.36 -23.51 10.91
CA GLU A 336 24.06 -23.47 12.19
C GLU A 336 25.56 -23.63 12.01
N ASP A 337 25.98 -24.48 11.07
CA ASP A 337 27.42 -24.61 10.82
C ASP A 337 28.01 -23.32 10.27
N ASN A 338 27.28 -22.64 9.40
CA ASN A 338 27.80 -21.40 8.81
C ASN A 338 27.85 -20.29 9.84
N ARG A 339 26.88 -20.27 10.75
CA ARG A 339 26.95 -19.31 11.86
C ARG A 339 28.20 -19.55 12.68
N GLU A 340 28.47 -20.82 13.03
CA GLU A 340 29.68 -21.13 13.79
C GLU A 340 30.92 -20.70 13.03
N TRP A 341 30.95 -20.92 11.71
CA TRP A 341 32.10 -20.54 10.91
C TRP A 341 32.34 -19.04 10.96
N TYR A 342 31.30 -18.23 10.67
CA TYR A 342 31.50 -16.78 10.74
C TYR A 342 31.92 -16.34 12.13
N GLN A 343 31.29 -16.90 13.18
CA GLN A 343 31.64 -16.52 14.54
C GLN A 343 33.11 -16.80 14.81
N SER A 344 33.62 -17.92 14.27
CA SER A 344 35.00 -18.31 14.55
C SER A 344 36.00 -17.36 13.92
N THR A 345 35.58 -16.55 12.95
CA THR A 345 36.50 -15.60 12.34
C THR A 345 36.59 -14.30 13.12
N ILE A 346 35.73 -14.11 14.10
CA ILE A 346 35.74 -12.86 14.87
C ILE A 346 36.93 -12.79 15.83
N PRO A 347 37.14 -13.75 16.77
CA PRO A 347 38.17 -13.54 17.79
C PRO A 347 39.59 -13.40 17.25
N GLU B 25 -18.11 40.65 -4.82
CA GLU B 25 -17.02 40.12 -3.99
C GLU B 25 -17.28 40.40 -2.51
N ASP B 26 -18.09 41.42 -2.23
CA ASP B 26 -18.54 41.65 -0.85
C ASP B 26 -19.53 40.58 -0.43
N VAL B 27 -20.30 40.04 -1.38
CA VAL B 27 -21.16 38.91 -1.10
C VAL B 27 -20.31 37.72 -0.67
N LEU B 28 -19.22 37.47 -1.40
CA LEU B 28 -18.34 36.35 -1.09
C LEU B 28 -17.75 36.50 0.31
N ALA B 29 -17.34 37.72 0.67
CA ALA B 29 -16.82 37.94 2.02
C ALA B 29 -17.87 37.64 3.07
N LYS B 30 -19.13 38.02 2.82
CA LYS B 30 -20.18 37.79 3.81
C LYS B 30 -20.45 36.30 4.00
N GLU B 31 -20.44 35.53 2.92
CA GLU B 31 -20.65 34.08 3.05
C GLU B 31 -19.54 33.43 3.88
N LEU B 32 -18.31 33.92 3.74
CA LEU B 32 -17.17 33.31 4.43
C LEU B 32 -17.16 33.62 5.92
N GLU B 33 -18.02 34.53 6.39
CA GLU B 33 -18.16 34.75 7.83
C GLU B 33 -18.76 33.54 8.55
N ASP B 34 -19.35 32.61 7.81
CA ASP B 34 -19.93 31.40 8.37
C ASP B 34 -18.94 30.23 8.38
N VAL B 35 -17.65 30.51 8.15
CA VAL B 35 -16.66 29.47 7.99
C VAL B 35 -16.59 28.56 9.21
N ASN B 36 -16.96 29.07 10.38
CA ASN B 36 -16.95 28.26 11.58
C ASN B 36 -18.26 27.52 11.82
N LYS B 37 -19.20 27.60 10.89
CA LYS B 37 -20.54 27.05 11.10
C LYS B 37 -20.79 25.84 10.19
N TRP B 38 -21.39 24.80 10.77
CA TRP B 38 -21.91 23.69 9.99
C TRP B 38 -23.03 24.19 9.08
N GLY B 39 -22.94 23.89 7.80
CA GLY B 39 -23.94 24.36 6.85
C GLY B 39 -23.54 25.59 6.05
N LEU B 40 -22.24 25.90 5.98
CA LEU B 40 -21.74 26.94 5.11
C LEU B 40 -22.33 26.80 3.71
N HIS B 41 -22.60 27.94 3.07
CA HIS B 41 -23.17 27.96 1.72
C HIS B 41 -22.08 27.72 0.68
N VAL B 42 -21.61 26.48 0.62
CA VAL B 42 -20.40 26.17 -0.15
C VAL B 42 -20.64 26.28 -1.64
N PHE B 43 -21.87 26.00 -2.12
CA PHE B 43 -22.14 26.15 -3.55
C PHE B 43 -22.18 27.61 -3.94
N ARG B 44 -22.76 28.46 -3.09
CA ARG B 44 -22.75 29.90 -3.33
C ARG B 44 -21.31 30.43 -3.35
N ILE B 45 -20.47 29.94 -2.43
CA ILE B 45 -19.08 30.36 -2.40
C ILE B 45 -18.36 29.92 -3.66
N ALA B 46 -18.66 28.70 -4.15
CA ALA B 46 -18.06 28.22 -5.39
C ALA B 46 -18.39 29.15 -6.55
N GLU B 47 -19.64 29.60 -6.62
CA GLU B 47 -20.06 30.48 -7.71
C GLU B 47 -19.44 31.86 -7.57
N LEU B 48 -19.52 32.44 -6.37
CA LEU B 48 -19.04 33.81 -6.16
C LEU B 48 -17.52 33.93 -6.31
N SER B 49 -16.78 32.86 -6.09
CA SER B 49 -15.33 32.90 -6.14
C SER B 49 -14.78 32.55 -7.52
N GLY B 50 -15.65 32.44 -8.54
CA GLY B 50 -15.20 31.99 -9.85
C GLY B 50 -14.70 30.56 -9.86
N ASN B 51 -15.41 29.66 -9.20
CA ASN B 51 -15.04 28.25 -9.08
C ASN B 51 -13.70 28.05 -8.36
N ARG B 52 -13.46 28.85 -7.34
CA ARG B 52 -12.29 28.65 -6.49
C ARG B 52 -12.68 28.45 -5.02
N PRO B 53 -13.68 27.60 -4.72
CA PRO B 53 -14.04 27.43 -3.30
C PRO B 53 -12.92 26.83 -2.46
N LEU B 54 -12.15 25.89 -3.01
CA LEU B 54 -11.07 25.28 -2.23
C LEU B 54 -10.05 26.33 -1.83
N THR B 55 -9.66 27.18 -2.78
CA THR B 55 -8.64 28.21 -2.49
C THR B 55 -9.13 29.21 -1.46
N VAL B 56 -10.34 29.74 -1.64
CA VAL B 56 -10.82 30.79 -0.73
C VAL B 56 -11.14 30.24 0.65
N ILE B 57 -11.68 29.02 0.72
CA ILE B 57 -12.04 28.46 2.02
C ILE B 57 -10.79 28.04 2.78
N MET B 58 -9.82 27.41 2.10
CA MET B 58 -8.56 27.07 2.77
C MET B 58 -7.83 28.31 3.24
N HIS B 59 -7.79 29.35 2.41
CA HIS B 59 -7.14 30.59 2.83
C HIS B 59 -7.82 31.18 4.05
N THR B 60 -9.16 31.20 4.05
CA THR B 60 -9.90 31.73 5.19
C THR B 60 -9.59 30.94 6.45
N ILE B 61 -9.60 29.61 6.36
CA ILE B 61 -9.38 28.75 7.53
C ILE B 61 -7.96 28.91 8.07
N PHE B 62 -6.98 29.01 7.17
CA PHE B 62 -5.61 29.20 7.63
C PHE B 62 -5.47 30.52 8.38
N GLN B 63 -6.23 31.53 7.99
CA GLN B 63 -6.18 32.81 8.71
C GLN B 63 -6.87 32.70 10.06
N GLU B 64 -8.06 32.09 10.09
CA GLU B 64 -8.82 31.95 11.32
C GLU B 64 -8.03 31.20 12.39
N ARG B 65 -7.21 30.23 11.97
CA ARG B 65 -6.43 29.41 12.89
C ARG B 65 -5.00 29.92 13.06
N ASP B 66 -4.66 31.06 12.44
CA ASP B 66 -3.32 31.65 12.53
C ASP B 66 -2.23 30.70 12.04
N LEU B 67 -2.55 29.87 11.04
CA LEU B 67 -1.60 28.85 10.61
C LEU B 67 -0.47 29.44 9.77
N LEU B 68 -0.70 30.55 9.07
CA LEU B 68 0.37 31.14 8.27
C LEU B 68 1.47 31.70 9.17
N LYS B 69 1.10 32.40 10.24
CA LYS B 69 2.11 32.91 11.15
C LYS B 69 2.75 31.78 11.94
N THR B 70 1.95 30.81 12.38
CA THR B 70 2.48 29.73 13.20
C THR B 70 3.53 28.93 12.45
N PHE B 71 3.28 28.60 11.18
CA PHE B 71 4.19 27.78 10.40
C PHE B 71 4.98 28.57 9.38
N LYS B 72 5.01 29.90 9.49
CA LYS B 72 5.80 30.76 8.61
C LYS B 72 5.55 30.44 7.13
N ILE B 73 4.28 30.35 6.77
CA ILE B 73 3.88 30.05 5.40
C ILE B 73 3.69 31.37 4.66
N PRO B 74 4.46 31.66 3.61
CA PRO B 74 4.24 32.90 2.86
C PRO B 74 2.89 32.84 2.18
N VAL B 75 2.16 33.97 2.22
CA VAL B 75 0.79 33.96 1.72
C VAL B 75 0.75 33.68 0.23
N ASP B 76 1.74 34.19 -0.52
CA ASP B 76 1.77 33.95 -1.96
C ASP B 76 2.04 32.48 -2.28
N THR B 77 2.86 31.81 -1.46
CA THR B 77 3.11 30.39 -1.65
C THR B 77 1.84 29.59 -1.37
N LEU B 78 1.13 29.93 -0.30
CA LEU B 78 -0.12 29.26 0.00
C LEU B 78 -1.10 29.39 -1.17
N ILE B 79 -1.32 30.62 -1.65
CA ILE B 79 -2.30 30.83 -2.71
C ILE B 79 -1.88 30.08 -3.96
N THR B 80 -0.59 30.11 -4.29
CA THR B 80 -0.12 29.42 -5.49
C THR B 80 -0.34 27.92 -5.39
N TYR B 81 0.00 27.33 -4.25
CA TYR B 81 -0.25 25.90 -4.05
C TYR B 81 -1.74 25.60 -4.14
N LEU B 82 -2.56 26.37 -3.43
CA LEU B 82 -4.00 26.07 -3.40
C LEU B 82 -4.62 26.13 -4.79
N MET B 83 -4.24 27.14 -5.60
CA MET B 83 -4.78 27.23 -6.96
C MET B 83 -4.32 26.05 -7.81
N THR B 84 -3.07 25.62 -7.65
CA THR B 84 -2.57 24.46 -8.39
C THR B 84 -3.28 23.17 -7.96
N LEU B 85 -3.41 22.97 -6.64
CA LEU B 85 -4.18 21.83 -6.11
C LEU B 85 -5.60 21.84 -6.67
N GLU B 86 -6.28 22.98 -6.55
CA GLU B 86 -7.66 23.10 -7.04
C GLU B 86 -7.75 22.76 -8.52
N ASP B 87 -6.76 23.22 -9.32
CA ASP B 87 -6.76 22.90 -10.75
C ASP B 87 -6.65 21.41 -11.04
N HIS B 88 -6.18 20.60 -10.09
CA HIS B 88 -6.07 19.16 -10.31
C HIS B 88 -7.28 18.37 -9.84
N TYR B 89 -8.30 19.03 -9.29
CA TYR B 89 -9.64 18.45 -9.24
C TYR B 89 -10.33 18.66 -10.58
N HIS B 90 -11.05 17.63 -11.02
CA HIS B 90 -11.63 17.65 -12.37
C HIS B 90 -12.93 18.44 -12.39
N ALA B 91 -13.04 19.39 -13.33
CA ALA B 91 -14.23 20.20 -13.40
C ALA B 91 -15.41 19.47 -14.01
N ASP B 92 -15.17 18.36 -14.69
CA ASP B 92 -16.23 17.60 -15.32
C ASP B 92 -16.67 16.37 -14.51
N VAL B 93 -16.29 16.29 -13.24
CA VAL B 93 -16.72 15.24 -12.33
C VAL B 93 -17.76 15.86 -11.40
N ALA B 94 -18.95 15.25 -11.32
CA ALA B 94 -20.08 15.92 -10.68
C ALA B 94 -19.95 16.03 -9.17
N TYR B 95 -19.36 15.02 -8.51
CA TYR B 95 -19.27 14.99 -7.07
C TYR B 95 -17.85 15.20 -6.58
N HIS B 96 -16.91 14.35 -7.02
CA HIS B 96 -15.54 14.34 -6.49
C HIS B 96 -14.70 15.43 -7.15
N ASN B 97 -15.09 16.68 -6.88
CA ASN B 97 -14.44 17.85 -7.47
C ASN B 97 -14.00 18.83 -6.37
N ASN B 98 -13.59 20.04 -6.76
CA ASN B 98 -13.08 21.00 -5.80
C ASN B 98 -14.13 21.48 -4.79
N ILE B 99 -15.42 21.43 -5.13
CA ILE B 99 -16.44 21.82 -4.16
C ILE B 99 -16.52 20.80 -3.04
N HIS B 100 -16.48 19.51 -3.40
CA HIS B 100 -16.42 18.47 -2.36
C HIS B 100 -15.19 18.63 -1.47
N ALA B 101 -14.02 18.86 -2.09
CA ALA B 101 -12.81 19.10 -1.30
C ALA B 101 -12.97 20.25 -0.34
N ALA B 102 -13.53 21.36 -0.82
CA ALA B 102 -13.71 22.53 0.04
C ALA B 102 -14.68 22.22 1.18
N ASP B 103 -15.72 21.46 0.89
CA ASP B 103 -16.69 21.08 1.90
C ASP B 103 -16.06 20.18 2.95
N VAL B 104 -15.22 19.23 2.53
CA VAL B 104 -14.60 18.35 3.52
C VAL B 104 -13.61 19.14 4.39
N VAL B 105 -12.85 20.04 3.78
CA VAL B 105 -11.94 20.92 4.53
C VAL B 105 -12.70 21.69 5.59
N GLN B 106 -13.78 22.36 5.19
CA GLN B 106 -14.49 23.22 6.12
C GLN B 106 -15.17 22.40 7.20
N SER B 107 -15.68 21.23 6.84
CA SER B 107 -16.30 20.35 7.83
C SER B 107 -15.27 19.87 8.86
N THR B 108 -14.09 19.44 8.38
CA THR B 108 -13.03 19.07 9.32
C THR B 108 -12.69 20.23 10.24
N HIS B 109 -12.60 21.44 9.68
CA HIS B 109 -12.33 22.64 10.47
C HIS B 109 -13.33 22.79 11.61
N VAL B 110 -14.62 22.51 11.35
CA VAL B 110 -15.62 22.63 12.40
C VAL B 110 -15.44 21.53 13.44
N LEU B 111 -15.24 20.29 13.00
CA LEU B 111 -15.10 19.18 13.94
C LEU B 111 -13.87 19.33 14.82
N LEU B 112 -12.79 19.92 14.29
CA LEU B 112 -11.61 20.17 15.10
C LEU B 112 -11.90 21.11 16.27
N SER B 113 -13.02 21.85 16.22
CA SER B 113 -13.39 22.80 17.27
C SER B 113 -14.43 22.26 18.24
N THR B 114 -14.77 20.98 18.13
CA THR B 114 -15.68 20.35 19.07
C THR B 114 -15.17 20.62 20.50
N PRO B 115 -15.99 21.14 21.40
CA PRO B 115 -15.48 21.40 22.77
C PRO B 115 -14.85 20.17 23.44
N ALA B 116 -15.43 18.99 23.24
CA ALA B 116 -14.88 17.78 23.84
C ALA B 116 -13.50 17.40 23.30
N LEU B 117 -13.05 18.02 22.21
CA LEU B 117 -11.71 17.82 21.68
C LEU B 117 -10.80 19.02 21.93
N GLU B 118 -11.13 19.83 22.93
CA GLU B 118 -10.45 21.11 23.13
C GLU B 118 -8.97 20.89 23.43
N ALA B 119 -8.12 21.56 22.64
CA ALA B 119 -6.66 21.52 22.80
C ALA B 119 -6.12 20.09 22.88
N VAL B 120 -6.85 19.14 22.29
CA VAL B 120 -6.38 17.76 22.26
C VAL B 120 -5.27 17.59 21.24
N PHE B 121 -5.35 18.34 20.15
CA PHE B 121 -4.47 18.16 19.00
C PHE B 121 -3.49 19.32 18.90
N THR B 122 -2.24 19.01 18.59
CA THR B 122 -1.24 20.05 18.40
C THR B 122 -1.52 20.84 17.12
N ASP B 123 -0.82 21.96 16.97
CA ASP B 123 -0.94 22.75 15.76
C ASP B 123 -0.51 21.95 14.53
N LEU B 124 0.46 21.05 14.69
CA LEU B 124 0.89 20.23 13.56
C LEU B 124 -0.17 19.20 13.19
N GLU B 125 -0.85 18.63 14.20
CA GLU B 125 -1.94 17.69 13.93
C GLU B 125 -3.13 18.39 13.26
N ILE B 126 -3.39 19.63 13.67
CA ILE B 126 -4.45 20.44 13.06
C ILE B 126 -4.11 20.75 11.60
N LEU B 127 -2.86 21.15 11.34
CA LEU B 127 -2.40 21.39 9.98
C LEU B 127 -2.52 20.13 9.13
N ALA B 128 -2.17 18.97 9.71
CA ALA B 128 -2.22 17.72 8.97
C ALA B 128 -3.66 17.34 8.59
N ALA B 129 -4.60 17.48 9.52
CA ALA B 129 -6.00 17.13 9.25
C ALA B 129 -6.58 18.03 8.18
N ILE B 130 -6.22 19.32 8.19
CA ILE B 130 -6.77 20.26 7.23
C ILE B 130 -6.15 20.05 5.85
N PHE B 131 -4.83 19.91 5.81
CA PHE B 131 -4.17 19.63 4.54
C PHE B 131 -4.66 18.31 3.96
N ALA B 132 -4.76 17.26 4.79
CA ALA B 132 -5.26 15.99 4.30
C ALA B 132 -6.64 16.13 3.69
N SER B 133 -7.52 16.91 4.34
CA SER B 133 -8.86 17.09 3.78
C SER B 133 -8.81 17.76 2.42
N ALA B 134 -7.90 18.73 2.26
CA ALA B 134 -7.87 19.49 1.02
C ALA B 134 -7.42 18.63 -0.15
N ILE B 135 -6.46 17.72 0.09
CA ILE B 135 -5.94 16.89 -1.00
C ILE B 135 -6.64 15.54 -1.11
N HIS B 136 -7.61 15.23 -0.25
CA HIS B 136 -7.98 13.83 -0.04
C HIS B 136 -8.65 13.16 -1.25
N ASP B 137 -9.18 13.93 -2.22
CA ASP B 137 -9.74 13.37 -3.45
C ASP B 137 -9.12 13.96 -4.72
N VAL B 138 -7.92 14.54 -4.64
CA VAL B 138 -7.41 15.29 -5.79
C VAL B 138 -7.17 14.37 -6.99
N ASP B 139 -7.49 14.86 -8.19
CA ASP B 139 -7.33 14.09 -9.43
C ASP B 139 -8.24 12.85 -9.49
N HIS B 140 -9.37 12.90 -8.79
CA HIS B 140 -10.32 11.79 -8.83
C HIS B 140 -10.95 11.70 -10.21
N PRO B 141 -10.99 10.52 -10.82
CA PRO B 141 -11.55 10.39 -12.19
C PRO B 141 -13.05 10.19 -12.23
N GLY B 142 -13.72 10.12 -11.07
CA GLY B 142 -15.15 9.95 -11.06
C GLY B 142 -15.62 8.53 -11.19
N VAL B 143 -14.72 7.55 -10.96
CA VAL B 143 -15.07 6.14 -10.93
C VAL B 143 -14.42 5.53 -9.70
N SER B 144 -14.96 4.40 -9.26
CA SER B 144 -14.57 3.81 -7.98
C SER B 144 -13.29 2.98 -8.12
N ASN B 145 -12.73 2.64 -6.95
CA ASN B 145 -11.58 1.74 -6.92
C ASN B 145 -11.91 0.42 -7.62
N GLN B 146 -13.10 -0.15 -7.35
CA GLN B 146 -13.46 -1.42 -7.98
C GLN B 146 -13.51 -1.30 -9.50
N PHE B 147 -14.03 -0.20 -10.03
CA PHE B 147 -14.01 0.03 -11.47
C PHE B 147 -12.59 0.08 -12.00
N LEU B 148 -11.71 0.79 -11.29
CA LEU B 148 -10.31 0.88 -11.70
C LEU B 148 -9.63 -0.49 -11.70
N ILE B 149 -9.93 -1.33 -10.70
CA ILE B 149 -9.36 -2.67 -10.63
C ILE B 149 -9.91 -3.54 -11.76
N ASN B 150 -11.23 -3.51 -11.94
CA ASN B 150 -11.87 -4.45 -12.87
C ASN B 150 -11.59 -4.10 -14.33
N THR B 151 -11.23 -2.86 -14.62
CA THR B 151 -10.87 -2.45 -15.96
C THR B 151 -9.37 -2.54 -16.21
N ASN B 152 -8.61 -3.08 -15.26
CA ASN B 152 -7.15 -3.22 -15.38
C ASN B 152 -6.48 -1.88 -15.68
N SER B 153 -6.92 -0.82 -15.00
CA SER B 153 -6.45 0.52 -15.23
C SER B 153 -4.97 0.66 -14.88
N GLU B 154 -4.34 1.69 -15.44
CA GLU B 154 -2.96 2.02 -15.07
C GLU B 154 -2.85 2.33 -13.58
N LEU B 155 -3.85 3.00 -13.00
CA LEU B 155 -3.78 3.31 -11.57
C LEU B 155 -3.78 2.04 -10.74
N ALA B 156 -4.63 1.08 -11.08
CA ALA B 156 -4.67 -0.15 -10.28
C ALA B 156 -3.40 -0.96 -10.48
N LEU B 157 -2.81 -0.89 -11.66
CA LEU B 157 -1.54 -1.57 -11.92
C LEU B 157 -0.43 -0.94 -11.08
N MET B 158 -0.41 0.38 -11.01
CA MET B 158 0.60 1.07 -10.20
CA MET B 158 0.61 1.04 -10.20
C MET B 158 0.48 0.70 -8.72
N TYR B 159 -0.74 0.63 -8.20
CA TYR B 159 -0.96 0.52 -6.76
C TYR B 159 -1.39 -0.89 -6.33
N ASN B 160 -1.28 -1.90 -7.19
CA ASN B 160 -1.49 -3.28 -6.76
C ASN B 160 -2.87 -3.48 -6.12
N ASP B 161 -3.86 -2.81 -6.70
CA ASP B 161 -5.27 -2.98 -6.35
C ASP B 161 -5.63 -2.50 -4.94
N SER B 162 -4.72 -1.83 -4.22
CA SER B 162 -4.89 -1.56 -2.80
C SER B 162 -5.02 -0.06 -2.60
N SER B 163 -6.17 0.40 -2.08
CA SER B 163 -6.48 1.83 -1.92
C SER B 163 -5.96 2.64 -3.09
N VAL B 164 -6.41 2.23 -4.28
CA VAL B 164 -5.82 2.76 -5.52
C VAL B 164 -5.98 4.27 -5.59
N LEU B 165 -7.23 4.75 -5.47
CA LEU B 165 -7.49 6.18 -5.57
C LEU B 165 -6.77 6.93 -4.46
N GLU B 166 -6.89 6.43 -3.22
CA GLU B 166 -6.37 7.17 -2.07
C GLU B 166 -4.85 7.31 -2.13
N ASN B 167 -4.15 6.28 -2.61
CA ASN B 167 -2.71 6.39 -2.82
C ASN B 167 -2.41 7.45 -3.87
N HIS B 168 -3.21 7.49 -4.93
CA HIS B 168 -2.99 8.49 -5.99
C HIS B 168 -3.26 9.90 -5.49
N HIS B 169 -4.36 10.11 -4.72
CA HIS B 169 -4.63 11.46 -4.21
C HIS B 169 -3.46 11.98 -3.39
N LEU B 170 -2.92 11.12 -2.51
CA LEU B 170 -1.77 11.51 -1.71
C LEU B 170 -0.57 11.86 -2.60
N ALA B 171 -0.26 11.00 -3.57
CA ALA B 171 0.93 11.22 -4.39
C ALA B 171 0.82 12.54 -5.14
N VAL B 172 -0.36 12.86 -5.68
CA VAL B 172 -0.55 14.11 -6.41
C VAL B 172 -0.45 15.30 -5.46
N GLY B 173 -1.13 15.20 -4.31
CA GLY B 173 -1.14 16.30 -3.35
C GLY B 173 0.25 16.66 -2.88
N PHE B 174 1.09 15.67 -2.63
CA PHE B 174 2.46 15.93 -2.23
C PHE B 174 3.33 16.36 -3.42
N LYS B 175 3.13 15.77 -4.58
CA LYS B 175 4.00 16.12 -5.72
C LYS B 175 3.82 17.58 -6.09
N LEU B 176 2.61 18.12 -5.96
CA LEU B 176 2.37 19.52 -6.31
C LEU B 176 3.11 20.50 -5.40
N LEU B 177 3.53 20.09 -4.20
CA LEU B 177 4.35 20.97 -3.38
C LEU B 177 5.68 21.31 -4.03
N GLN B 178 6.11 20.52 -5.02
CA GLN B 178 7.39 20.71 -5.69
C GLN B 178 7.30 21.66 -6.88
N GLU B 179 6.11 22.16 -7.21
CA GLU B 179 5.98 23.15 -8.27
C GLU B 179 6.50 24.50 -7.78
N GLU B 180 6.77 25.39 -8.73
CA GLU B 180 7.40 26.67 -8.41
C GLU B 180 6.56 27.47 -7.41
N ASN B 181 7.21 27.90 -6.33
CA ASN B 181 6.56 28.66 -5.24
C ASN B 181 5.33 27.96 -4.67
N CYS B 182 5.41 26.63 -4.55
CA CYS B 182 4.30 25.84 -4.02
C CYS B 182 4.61 25.15 -2.70
N ASP B 183 5.84 25.26 -2.18
CA ASP B 183 6.17 24.49 -0.97
C ASP B 183 5.71 25.25 0.26
N ILE B 184 4.45 25.03 0.65
CA ILE B 184 3.90 25.70 1.82
C ILE B 184 4.54 25.25 3.13
N PHE B 185 5.28 24.13 3.11
CA PHE B 185 5.94 23.59 4.29
C PHE B 185 7.42 23.94 4.34
N GLN B 186 7.87 24.89 3.51
CA GLN B 186 9.30 25.17 3.38
C GLN B 186 9.93 25.58 4.71
N ASN B 187 9.17 26.16 5.63
CA ASN B 187 9.73 26.66 6.88
C ASN B 187 9.42 25.76 8.06
N LEU B 188 8.91 24.56 7.82
CA LEU B 188 8.83 23.55 8.85
C LEU B 188 10.19 22.88 8.99
N THR B 189 10.50 22.44 10.21
CA THR B 189 11.73 21.69 10.40
C THR B 189 11.63 20.35 9.68
N LYS B 190 12.78 19.70 9.51
CA LYS B 190 12.82 18.37 8.93
C LYS B 190 11.92 17.41 9.70
N LYS B 191 11.99 17.46 11.05
CA LYS B 191 11.19 16.56 11.88
C LYS B 191 9.72 16.83 11.70
N GLN B 192 9.34 18.12 11.68
CA GLN B 192 7.92 18.45 11.53
C GLN B 192 7.39 17.99 10.19
N ARG B 193 8.18 18.15 9.13
CA ARG B 193 7.73 17.72 7.81
C ARG B 193 7.54 16.21 7.75
N GLN B 194 8.46 15.45 8.36
CA GLN B 194 8.30 14.00 8.38
C GLN B 194 7.08 13.57 9.19
N SER B 195 6.84 14.23 10.33
CA SER B 195 5.67 13.89 11.13
C SER B 195 4.38 14.24 10.40
N LEU B 196 4.32 15.43 9.81
CA LEU B 196 3.13 15.84 9.09
C LEU B 196 2.86 14.89 7.93
N ARG B 197 3.89 14.53 7.18
CA ARG B 197 3.68 13.64 6.03
C ARG B 197 3.10 12.31 6.47
N LYS B 198 3.62 11.74 7.55
CA LYS B 198 3.12 10.45 8.04
C LYS B 198 1.65 10.57 8.44
N MET B 199 1.31 11.62 9.18
CA MET B 199 -0.08 11.80 9.61
C MET B 199 -1.01 12.00 8.42
N VAL B 200 -0.62 12.82 7.44
CA VAL B 200 -1.47 13.04 6.26
C VAL B 200 -1.70 11.72 5.50
N ILE B 201 -0.65 10.91 5.33
CA ILE B 201 -0.81 9.62 4.66
C ILE B 201 -1.78 8.74 5.44
N ASP B 202 -1.60 8.65 6.76
CA ASP B 202 -2.48 7.83 7.57
C ASP B 202 -3.94 8.30 7.48
N ILE B 203 -4.16 9.61 7.41
CA ILE B 203 -5.53 10.13 7.34
C ILE B 203 -6.16 9.85 5.97
N VAL B 204 -5.46 10.19 4.89
CA VAL B 204 -6.08 10.02 3.56
C VAL B 204 -6.30 8.55 3.24
N LEU B 205 -5.36 7.68 3.62
CA LEU B 205 -5.60 6.25 3.39
C LEU B 205 -6.83 5.76 4.14
N ALA B 206 -7.15 6.37 5.28
CA ALA B 206 -8.35 5.97 6.02
C ALA B 206 -9.65 6.44 5.37
N THR B 207 -9.59 7.21 4.28
CA THR B 207 -10.80 7.62 3.61
C THR B 207 -11.29 6.58 2.60
N ASP B 208 -10.52 5.52 2.36
CA ASP B 208 -10.96 4.42 1.51
C ASP B 208 -12.18 3.75 2.18
N MET B 209 -13.31 3.70 1.45
CA MET B 209 -14.52 3.15 2.07
C MET B 209 -14.37 1.69 2.47
N SER B 210 -13.44 0.96 1.88
CA SER B 210 -13.31 -0.43 2.33
C SER B 210 -12.75 -0.52 3.74
N LYS B 211 -12.24 0.58 4.30
CA LYS B 211 -11.72 0.59 5.67
C LYS B 211 -12.74 1.09 6.68
N HIS B 212 -13.95 1.43 6.24
CA HIS B 212 -14.96 2.03 7.11
C HIS B 212 -15.26 1.18 8.34
N MET B 213 -15.53 -0.11 8.13
CA MET B 213 -15.95 -0.96 9.25
C MET B 213 -14.84 -1.09 10.30
N ASN B 214 -13.59 -1.23 9.87
CA ASN B 214 -12.50 -1.30 10.82
C ASN B 214 -12.32 0.02 11.58
N LEU B 215 -12.42 1.15 10.88
CA LEU B 215 -12.32 2.44 11.54
C LEU B 215 -13.42 2.62 12.56
N LEU B 216 -14.64 2.23 12.20
CA LEU B 216 -15.77 2.38 13.11
C LEU B 216 -15.62 1.49 14.33
N ALA B 217 -15.16 0.25 14.13
CA ALA B 217 -14.93 -0.63 15.28
C ALA B 217 -13.92 -0.03 16.23
N ASP B 218 -12.88 0.60 15.68
CA ASP B 218 -11.87 1.24 16.54
C ASP B 218 -12.42 2.47 17.24
N LEU B 219 -13.29 3.21 16.57
CA LEU B 219 -13.93 4.35 17.22
C LEU B 219 -14.85 3.88 18.35
N LYS B 220 -15.58 2.80 18.11
CA LYS B 220 -16.44 2.23 19.16
C LYS B 220 -15.62 1.81 20.38
N THR B 221 -14.48 1.12 20.15
CA THR B 221 -13.63 0.72 21.26
C THR B 221 -13.16 1.92 22.06
N MET B 222 -12.77 2.99 21.37
CA MET B 222 -12.34 4.19 22.06
C MET B 222 -13.47 4.80 22.88
N VAL B 223 -14.68 4.82 22.34
CA VAL B 223 -15.81 5.34 23.11
C VAL B 223 -16.03 4.52 24.38
N GLU B 224 -15.90 3.20 24.27
CA GLU B 224 -16.12 2.33 25.43
C GLU B 224 -15.05 2.55 26.51
N THR B 225 -13.82 2.83 26.11
CA THR B 225 -12.71 3.06 27.04
C THR B 225 -12.46 4.54 27.27
N LYS B 226 -13.40 5.39 26.86
CA LYS B 226 -13.26 6.84 26.89
C LYS B 226 -12.86 7.32 28.27
N LYS B 227 -11.75 8.05 28.32
CA LYS B 227 -11.33 8.73 29.53
C LYS B 227 -11.55 10.22 29.31
N VAL B 228 -12.18 10.87 30.28
CA VAL B 228 -12.61 12.25 30.17
C VAL B 228 -12.24 12.96 31.47
N THR B 229 -12.00 14.26 31.38
CA THR B 229 -11.93 15.08 32.59
C THR B 229 -13.28 15.03 33.31
N VAL B 233 -14.26 16.30 28.73
CA VAL B 233 -13.21 16.52 27.74
C VAL B 233 -12.27 15.32 27.56
N LEU B 234 -12.06 14.95 26.30
CA LEU B 234 -11.37 13.71 25.93
C LEU B 234 -9.89 13.75 26.31
N LEU B 235 -9.41 12.65 26.85
CA LEU B 235 -7.99 12.49 27.17
C LEU B 235 -7.45 11.33 26.32
N LEU B 236 -6.55 11.65 25.39
CA LEU B 236 -6.00 10.66 24.47
C LEU B 236 -4.48 10.68 24.60
N ASP B 237 -3.93 9.68 25.26
CA ASP B 237 -2.51 9.77 25.56
C ASP B 237 -1.60 9.28 24.44
N ASN B 238 -1.98 8.28 23.66
CA ASN B 238 -1.01 7.75 22.71
C ASN B 238 -1.36 8.14 21.27
N TYR B 239 -0.31 8.19 20.44
CA TYR B 239 -0.45 8.58 19.04
C TYR B 239 -1.45 7.68 18.33
N SER B 240 -1.44 6.38 18.64
CA SER B 240 -2.37 5.45 17.99
C SER B 240 -3.80 5.90 18.17
N ASP B 241 -4.17 6.28 19.40
CA ASP B 241 -5.54 6.75 19.64
C ASP B 241 -5.80 8.09 18.97
N ARG B 242 -4.84 9.03 19.04
CA ARG B 242 -5.05 10.33 18.42
C ARG B 242 -5.18 10.25 16.89
N ILE B 243 -4.31 9.47 16.23
CA ILE B 243 -4.46 9.36 14.77
C ILE B 243 -5.77 8.68 14.41
N GLN B 244 -6.22 7.71 15.21
CA GLN B 244 -7.52 7.09 14.95
C GLN B 244 -8.64 8.11 15.05
N VAL B 245 -8.55 9.06 15.99
CA VAL B 245 -9.58 10.10 16.05
C VAL B 245 -9.54 11.01 14.83
N LEU B 246 -8.35 11.40 14.40
CA LEU B 246 -8.24 12.23 13.19
C LEU B 246 -8.69 11.49 11.95
N GLN B 247 -8.38 10.19 11.85
CA GLN B 247 -8.90 9.39 10.75
C GLN B 247 -10.42 9.38 10.75
N ASN B 248 -11.03 9.06 11.90
CA ASN B 248 -12.50 9.06 11.95
C ASN B 248 -13.07 10.45 11.74
N MET B 249 -12.37 11.50 12.17
CA MET B 249 -12.87 12.85 12.00
C MET B 249 -12.96 13.22 10.52
N VAL B 250 -11.90 13.00 9.75
CA VAL B 250 -11.93 13.33 8.34
C VAL B 250 -12.89 12.41 7.60
N HIS B 251 -13.01 11.16 8.03
CA HIS B 251 -13.98 10.23 7.46
C HIS B 251 -15.40 10.72 7.71
N CYS B 252 -15.70 11.21 8.94
CA CYS B 252 -17.00 11.83 9.19
C CYS B 252 -17.24 13.04 8.29
N ALA B 253 -16.22 13.88 8.11
CA ALA B 253 -16.36 15.04 7.24
C ALA B 253 -16.62 14.63 5.79
N ASP B 254 -15.94 13.57 5.34
CA ASP B 254 -16.14 13.01 4.00
C ASP B 254 -17.56 12.48 3.85
N LEU B 255 -18.14 11.97 4.92
CA LEU B 255 -19.47 11.39 4.93
C LEU B 255 -20.47 12.31 5.64
N SER B 256 -20.30 13.61 5.47
CA SER B 256 -21.13 14.55 6.20
C SER B 256 -22.29 15.11 5.40
N ASN B 257 -22.44 14.75 4.12
CA ASN B 257 -23.52 15.36 3.34
C ASN B 257 -24.89 15.20 3.98
N PRO B 258 -25.31 14.02 4.45
CA PRO B 258 -26.67 13.89 5.01
C PRO B 258 -26.86 14.60 6.33
N THR B 259 -25.79 15.13 6.94
CA THR B 259 -25.92 15.89 8.18
C THR B 259 -26.04 17.39 7.96
N LYS B 260 -26.05 17.85 6.70
CA LYS B 260 -26.09 19.26 6.38
C LYS B 260 -27.53 19.68 6.17
N PRO B 261 -27.82 20.98 6.21
CA PRO B 261 -29.16 21.47 5.84
C PRO B 261 -29.63 20.84 4.53
N LEU B 262 -30.93 20.56 4.48
CA LEU B 262 -31.47 19.73 3.41
C LEU B 262 -31.20 20.31 2.02
N GLN B 263 -31.23 21.64 1.90
CA GLN B 263 -30.98 22.27 0.61
C GLN B 263 -29.58 21.93 0.09
N LEU B 264 -28.61 21.79 0.99
CA LEU B 264 -27.26 21.40 0.60
C LEU B 264 -27.20 19.91 0.32
N TYR B 265 -27.76 19.11 1.23
CA TYR B 265 -27.75 17.65 1.08
C TYR B 265 -28.36 17.21 -0.25
N ARG B 266 -29.49 17.78 -0.62
CA ARG B 266 -30.13 17.36 -1.88
C ARG B 266 -29.25 17.65 -3.08
N GLN B 267 -28.48 18.73 -3.04
CA GLN B 267 -27.54 19.00 -4.13
C GLN B 267 -26.44 17.97 -4.19
N TRP B 268 -25.93 17.54 -3.02
CA TRP B 268 -24.92 16.48 -3.00
C TRP B 268 -25.48 15.17 -3.53
N THR B 269 -26.74 14.85 -3.20
CA THR B 269 -27.37 13.63 -3.71
C THR B 269 -27.46 13.67 -5.23
N ASP B 270 -27.89 14.81 -5.79
CA ASP B 270 -27.97 14.92 -7.24
C ASP B 270 -26.60 14.70 -7.88
N ARG B 271 -25.55 15.23 -7.25
CA ARG B 271 -24.21 15.14 -7.82
C ARG B 271 -23.67 13.71 -7.75
N ILE B 272 -23.77 13.04 -6.59
CA ILE B 272 -23.24 11.68 -6.53
C ILE B 272 -24.00 10.76 -7.46
N MET B 273 -25.31 10.97 -7.61
CA MET B 273 -26.05 10.08 -8.51
C MET B 273 -25.66 10.29 -9.96
N GLU B 274 -25.38 11.55 -10.36
CA GLU B 274 -24.89 11.78 -11.72
C GLU B 274 -23.54 11.10 -11.94
N GLU B 275 -22.63 11.20 -10.97
CA GLU B 275 -21.34 10.56 -11.10
C GLU B 275 -21.47 9.04 -11.15
N PHE B 276 -22.34 8.48 -10.29
CA PHE B 276 -22.57 7.04 -10.28
C PHE B 276 -23.20 6.58 -11.59
N PHE B 277 -24.20 7.31 -12.10
CA PHE B 277 -24.83 6.93 -13.35
C PHE B 277 -23.86 6.98 -14.53
N ARG B 278 -22.98 7.98 -14.56
CA ARG B 278 -21.94 8.02 -15.61
C ARG B 278 -21.00 6.83 -15.52
N GLN B 279 -20.63 6.41 -14.31
CA GLN B 279 -19.84 5.18 -14.19
C GLN B 279 -20.64 3.98 -14.71
N GLY B 280 -21.94 3.95 -14.40
CA GLY B 280 -22.79 2.88 -14.89
C GLY B 280 -22.92 2.88 -16.40
N ASP B 281 -22.95 4.08 -17.02
CA ASP B 281 -23.00 4.13 -18.48
C ASP B 281 -21.71 3.59 -19.09
N ARG B 282 -20.56 3.87 -18.47
CA ARG B 282 -19.31 3.32 -18.97
C ARG B 282 -19.26 1.81 -18.79
N GLU B 283 -19.74 1.33 -17.64
CA GLU B 283 -19.79 -0.11 -17.39
C GLU B 283 -20.71 -0.78 -18.40
N ARG B 284 -21.84 -0.15 -18.71
CA ARG B 284 -22.76 -0.74 -19.66
C ARG B 284 -22.18 -0.74 -21.07
N GLU B 285 -21.51 0.35 -21.46
CA GLU B 285 -20.94 0.40 -22.81
C GLU B 285 -19.84 -0.64 -22.97
N ARG B 286 -19.04 -0.84 -21.93
N ARG B 286 -19.04 -0.85 -21.93
CA ARG B 286 -18.01 -1.88 -21.93
CA ARG B 286 -18.01 -1.88 -21.92
C ARG B 286 -18.56 -3.28 -21.71
C ARG B 286 -18.57 -3.28 -21.72
N GLY B 287 -19.87 -3.42 -21.51
CA GLY B 287 -20.44 -4.70 -21.18
C GLY B 287 -20.13 -5.23 -19.80
N MET B 288 -19.93 -4.35 -18.83
CA MET B 288 -19.61 -4.79 -17.49
C MET B 288 -20.86 -4.84 -16.63
N GLU B 289 -20.78 -5.59 -15.54
CA GLU B 289 -21.81 -5.57 -14.52
C GLU B 289 -21.86 -4.19 -13.87
N ILE B 290 -23.05 -3.61 -13.81
CA ILE B 290 -23.20 -2.25 -13.31
C ILE B 290 -23.15 -2.25 -11.78
N SER B 291 -22.35 -1.35 -11.22
CA SER B 291 -22.13 -1.29 -9.78
C SER B 291 -23.42 -0.86 -9.06
N PRO B 292 -23.54 -1.17 -7.77
CA PRO B 292 -24.72 -0.74 -7.01
C PRO B 292 -24.92 0.76 -7.08
N MET B 293 -26.17 1.17 -7.30
CA MET B 293 -26.60 2.56 -7.39
C MET B 293 -26.17 3.23 -8.69
N CYS B 294 -25.56 2.50 -9.62
CA CYS B 294 -25.00 3.12 -10.82
C CYS B 294 -25.85 2.90 -12.08
N ASP B 295 -26.97 2.19 -11.97
CA ASP B 295 -27.82 1.82 -13.11
C ASP B 295 -28.98 2.80 -13.17
N LYS B 296 -28.88 3.79 -14.07
CA LYS B 296 -29.90 4.82 -14.16
C LYS B 296 -31.26 4.27 -14.57
N HIS B 297 -31.31 3.11 -15.22
CA HIS B 297 -32.59 2.50 -15.61
C HIS B 297 -33.19 1.64 -14.51
N ASN B 298 -32.54 1.56 -13.35
CA ASN B 298 -33.00 0.66 -12.29
C ASN B 298 -32.59 1.21 -10.93
N ALA B 299 -32.66 2.52 -10.74
CA ALA B 299 -32.16 3.14 -9.53
C ALA B 299 -33.32 3.66 -8.69
N SER B 300 -33.14 3.65 -7.37
CA SER B 300 -34.04 4.37 -6.46
C SER B 300 -33.16 5.31 -5.65
N VAL B 301 -33.08 6.57 -6.08
CA VAL B 301 -32.21 7.54 -5.42
C VAL B 301 -32.53 7.64 -3.94
N GLU B 302 -33.83 7.68 -3.60
CA GLU B 302 -34.21 7.96 -2.22
C GLU B 302 -34.02 6.74 -1.32
N LYS B 303 -34.37 5.55 -1.81
CA LYS B 303 -34.09 4.35 -1.02
C LYS B 303 -32.61 4.20 -0.78
N SER B 304 -31.78 4.54 -1.78
CA SER B 304 -30.34 4.44 -1.61
C SER B 304 -29.84 5.39 -0.52
N GLN B 305 -30.39 6.61 -0.45
CA GLN B 305 -29.96 7.54 0.60
C GLN B 305 -30.36 7.04 1.97
N VAL B 306 -31.59 6.55 2.11
CA VAL B 306 -32.03 6.04 3.40
C VAL B 306 -31.17 4.85 3.83
N GLY B 307 -30.88 3.95 2.89
CA GLY B 307 -30.01 2.82 3.22
C GLY B 307 -28.60 3.25 3.59
N PHE B 308 -28.05 4.23 2.86
N PHE B 308 -28.06 4.22 2.83
CA PHE B 308 -26.70 4.67 3.20
CA PHE B 308 -26.74 4.79 3.11
C PHE B 308 -26.66 5.37 4.56
C PHE B 308 -26.69 5.34 4.53
N ILE B 309 -27.72 6.11 4.91
CA ILE B 309 -27.77 6.68 6.26
C ILE B 309 -27.88 5.56 7.30
N ASP B 310 -28.78 4.62 7.06
CA ASP B 310 -29.07 3.61 8.08
C ASP B 310 -27.87 2.72 8.35
N TYR B 311 -27.12 2.35 7.31
CA TYR B 311 -26.06 1.34 7.45
C TYR B 311 -24.67 1.94 7.58
N ILE B 312 -24.44 3.18 7.13
CA ILE B 312 -23.10 3.75 7.15
C ILE B 312 -23.06 5.05 7.94
N VAL B 313 -23.88 6.03 7.54
CA VAL B 313 -23.69 7.39 8.03
C VAL B 313 -24.17 7.55 9.47
N HIS B 314 -25.35 7.02 9.78
CA HIS B 314 -25.83 7.18 11.14
C HIS B 314 -25.00 6.37 12.15
N PRO B 315 -24.65 5.11 11.88
CA PRO B 315 -23.76 4.41 12.85
C PRO B 315 -22.47 5.14 13.10
N LEU B 316 -21.87 5.71 12.04
CA LEU B 316 -20.63 6.47 12.22
C LEU B 316 -20.88 7.74 13.04
N TRP B 317 -21.90 8.52 12.68
CA TRP B 317 -22.09 9.79 13.37
C TRP B 317 -22.64 9.61 14.78
N GLU B 318 -23.40 8.53 15.03
CA GLU B 318 -23.87 8.26 16.38
C GLU B 318 -22.70 7.94 17.29
N THR B 319 -21.72 7.22 16.74
CA THR B 319 -20.52 6.89 17.52
C THR B 319 -19.66 8.12 17.77
N TRP B 320 -19.44 8.93 16.72
CA TRP B 320 -18.77 10.21 16.90
C TRP B 320 -19.44 11.07 17.95
N ALA B 321 -20.77 11.19 17.86
CA ALA B 321 -21.50 12.00 18.84
C ALA B 321 -21.28 11.50 20.26
N ASP B 322 -21.24 10.18 20.44
CA ASP B 322 -20.91 9.61 21.76
C ASP B 322 -19.50 10.04 22.20
N LEU B 323 -18.54 10.03 21.28
CA LEU B 323 -17.17 10.40 21.64
C LEU B 323 -17.12 11.83 22.16
N VAL B 324 -17.86 12.73 21.54
CA VAL B 324 -17.74 14.16 21.81
C VAL B 324 -18.95 14.71 22.56
N HIS B 325 -19.76 13.84 23.13
CA HIS B 325 -21.02 14.18 23.78
C HIS B 325 -20.92 15.41 24.68
N PRO B 326 -21.84 16.38 24.57
CA PRO B 326 -23.02 16.45 23.69
C PRO B 326 -22.78 17.33 22.46
N ASP B 327 -21.52 17.53 22.08
CA ASP B 327 -21.19 18.61 21.17
C ASP B 327 -21.72 18.37 19.75
N ALA B 328 -21.99 17.12 19.37
CA ALA B 328 -22.42 16.83 18.01
C ALA B 328 -23.92 16.69 17.88
N GLN B 329 -24.66 17.06 18.94
CA GLN B 329 -26.10 16.81 18.99
C GLN B 329 -26.84 17.49 17.85
N ASP B 330 -26.48 18.75 17.53
CA ASP B 330 -27.18 19.44 16.45
C ASP B 330 -26.91 18.80 15.10
N ILE B 331 -25.71 18.26 14.89
CA ILE B 331 -25.40 17.60 13.63
C ILE B 331 -26.19 16.30 13.50
N LEU B 332 -26.21 15.51 14.56
CA LEU B 332 -26.98 14.28 14.59
C LEU B 332 -28.47 14.58 14.42
N ASP B 333 -28.97 15.65 15.04
CA ASP B 333 -30.37 16.04 14.88
C ASP B 333 -30.70 16.29 13.41
N THR B 334 -29.85 17.04 12.71
CA THR B 334 -30.07 17.31 11.30
C THR B 334 -30.07 16.03 10.46
N LEU B 335 -29.11 15.14 10.72
CA LEU B 335 -29.05 13.85 10.02
C LEU B 335 -30.35 13.07 10.20
N GLU B 336 -30.88 13.03 11.42
CA GLU B 336 -32.10 12.27 11.67
C GLU B 336 -33.31 12.93 11.00
N ASP B 337 -33.38 14.26 11.01
CA ASP B 337 -34.45 14.95 10.30
C ASP B 337 -34.38 14.66 8.81
N ASN B 338 -33.16 14.64 8.26
CA ASN B 338 -33.02 14.46 6.83
C ASN B 338 -33.36 13.03 6.43
N ARG B 339 -33.02 12.07 7.29
CA ARG B 339 -33.38 10.69 7.02
C ARG B 339 -34.90 10.53 7.01
N GLU B 340 -35.58 11.13 7.99
CA GLU B 340 -37.03 11.10 8.01
C GLU B 340 -37.62 11.70 6.74
N TRP B 341 -37.05 12.80 6.26
CA TRP B 341 -37.58 13.45 5.06
C TRP B 341 -37.39 12.57 3.83
N TYR B 342 -36.18 12.03 3.62
CA TYR B 342 -35.98 11.16 2.45
C TYR B 342 -36.89 9.95 2.51
N GLN B 343 -37.08 9.36 3.70
CA GLN B 343 -38.00 8.24 3.81
C GLN B 343 -39.42 8.64 3.40
N SER B 344 -39.85 9.85 3.75
CA SER B 344 -41.20 10.29 3.42
C SER B 344 -41.39 10.47 1.91
N THR B 345 -40.31 10.63 1.14
CA THR B 345 -40.43 10.75 -0.31
C THR B 345 -40.59 9.39 -0.99
N ILE B 346 -40.50 8.30 -0.26
CA ILE B 346 -40.69 6.95 -0.79
C ILE B 346 -42.16 6.58 -0.62
N PRO B 347 -42.93 6.37 -1.70
CA PRO B 347 -44.35 6.06 -1.60
C PRO B 347 -44.63 4.72 -0.90
MG MG C . 13.13 -7.16 -1.87
MG MG D . 18.71 -4.56 -16.57
ZN ZN E . 15.06 -10.34 -2.47
C4 AH6 F . 21.26 -8.42 5.32
C5 AH6 F . 20.28 -8.28 4.34
C6 AH6 F . 20.34 -9.04 3.18
C11 AH6 F . 24.50 -12.79 2.84
C7 AH6 F . 19.17 -7.29 4.58
C8 AH6 F . 18.03 -8.26 2.63
C9 AH6 F . 19.29 -8.90 2.10
C10 AH6 F . 23.43 -11.75 2.68
C12 AH6 F . 23.40 -8.64 7.16
C13 AH6 F . 18.00 -5.83 2.96
N1 AH6 F . 18.36 -7.05 3.37
C3 AH6 F . 22.31 -9.31 5.15
C1 AH6 F . 21.40 -9.93 3.01
C2 AH6 F . 22.37 -10.07 3.98
O1 AH6 F . 23.41 -10.94 3.87
O2 AH6 F . 23.32 -9.53 6.05
O3 AH6 F . 18.31 -4.79 3.53
C1 EDO G . -4.80 -7.11 -3.25
O1 EDO G . -5.85 -7.74 -3.93
C2 EDO G . -3.97 -8.21 -2.62
O2 EDO G . -4.58 -8.65 -1.43
C1 EDO H . 30.58 -24.07 7.27
O1 EDO H . 29.46 -24.72 6.70
C2 EDO H . 31.76 -25.04 7.30
O2 EDO H . 31.23 -26.23 7.81
C1 EDO I . 20.45 -1.01 4.49
O1 EDO I . 19.10 -0.95 4.85
C2 EDO I . 21.18 -1.79 5.57
O2 EDO I . 21.00 -1.13 6.81
C1 EDO J . -2.47 -12.36 -14.18
O1 EDO J . -3.13 -11.96 -15.35
C2 EDO J . -1.77 -11.12 -13.62
O2 EDO J . -2.73 -10.12 -13.47
C1 EDO K . -5.12 -23.78 -18.71
O1 EDO K . -6.16 -24.66 -19.04
C2 EDO K . -5.71 -22.60 -17.96
O2 EDO K . -6.73 -23.09 -17.13
C1 EDO L . 13.39 -28.55 2.01
O1 EDO L . 12.64 -29.20 1.02
C2 EDO L . 12.68 -28.69 3.34
O2 EDO L . 11.73 -27.68 3.51
MG MG M . -12.07 9.60 -1.67
ZN ZN N . -14.15 12.49 -0.49
C4 AH6 O . -22.69 7.24 -1.29
C5 AH6 O . -21.34 7.62 -1.40
C6 AH6 O . -21.01 8.97 -1.41
C11 AH6 O . -25.29 12.58 -0.77
C7 AH6 O . -20.29 6.54 -1.50
C8 AH6 O . -18.62 8.32 -1.05
C9 AH6 O . -19.57 9.41 -1.52
C10 AH6 O . -24.03 11.82 -1.07
C12 AH6 O . -25.45 6.60 -1.39
C13 AH6 O . -18.06 6.45 -2.55
N1 AH6 O . -18.94 7.07 -1.75
C3 AH6 O . -23.68 8.19 -1.21
C1 AH6 O . -22.02 9.93 -1.31
C2 AH6 O . -23.35 9.55 -1.20
O1 AH6 O . -24.37 10.44 -1.10
O2 AH6 O . -25.02 7.92 -1.10
O3 AH6 O . -18.27 5.41 -3.15
C1 EDO P . -19.68 3.17 -6.82
O1 EDO P . -18.74 2.41 -6.09
C2 EDO P . -21.03 3.01 -6.12
O2 EDO P . -21.37 1.65 -6.06
C1 EDO Q . 2.39 6.33 6.73
O1 EDO Q . 2.24 5.60 7.92
C2 EDO Q . 3.70 5.93 6.05
O2 EDO Q . 4.74 6.49 6.80
C1 EDO R . -48.91 8.34 -0.78
O1 EDO R . -50.12 7.90 -0.22
C2 EDO R . -48.26 7.21 -1.58
O2 EDO R . -47.97 6.16 -0.69
C1 EDO S . -37.36 19.00 6.10
O1 EDO S . -38.16 19.76 6.96
C2 EDO S . -36.07 18.66 6.82
O2 EDO S . -36.39 17.83 7.91
C1 EDO T . -11.23 22.61 -12.00
O1 EDO T . -9.99 22.06 -12.37
C2 EDO T . -11.03 23.51 -10.79
O2 EDO T . -11.29 22.75 -9.64
#